data_2R0Q
#
_entry.id   2R0Q
#
_cell.length_a   132.500
_cell.length_b   132.500
_cell.length_c   315.100
_cell.angle_alpha   90.000
_cell.angle_beta   90.000
_cell.angle_gamma   120.000
#
_symmetry.space_group_name_H-M   'P 65'
#
loop_
_entity.id
_entity.type
_entity.pdbx_description
1 polymer 31-MER
2 polymer 31-MER
3 polymer 'Putative transposon Tn552 DNA-invertase bin3'
4 non-polymer 'SULFATE ION'
#
loop_
_entity_poly.entity_id
_entity_poly.type
_entity_poly.pdbx_seq_one_letter_code
_entity_poly.pdbx_strand_id
1 'polydeoxyribonucleotide'
;(DA)(DA)(DC)(DG)(DT)(DA)(DT)(DG)(DA)(DT)(DT)(DA)(DG)(DG)(DG)(DT)(DG)(DT)(DA)(DT)
(DA)(DT)(DT)(DA)(DA)(DT)(DT)(DT)(DA)(DT)(DA)
;
A,G
2 'polydeoxyribonucleotide'
;(DT)(DA)(DA)(DA)(DT)(DT)(DA)(DA)(DT)(DA)(DT)(DA)(DC)(DA)(DC)(DC)(DC)(DT)(DA)(DA)
(DT)(DC)(DA)(DT)(DA)(DC)(DG)(DT)(DT)(DT)(DA)
;
B,H
3 'polypeptide(L)'
;MIIGYARVSSLDQNLERQLENLKTFGAEKIFTEKQSGKSIENRPILQKALNFVRMGDRFIVESIDRLGRNYNEVIHTVNY
LKDKEVQLMITSLPMMNEVIGNPLLDKFMKDLIIQILAMVSEQERNESKRRQAQGIQVAKEKGVYKGRPLLYSPNAKDPQ
KRVIYHRVVEMLEEGQAISKIAKEVNITRQTVYRIKHDNGLSSHHHHHH
;
C,D,E,F
#
loop_
_chem_comp.id
_chem_comp.type
_chem_comp.name
_chem_comp.formula
DA DNA linking 2'-DEOXYADENOSINE-5'-MONOPHOSPHATE 'C10 H14 N5 O6 P'
DC DNA linking 2'-DEOXYCYTIDINE-5'-MONOPHOSPHATE 'C9 H14 N3 O7 P'
DG DNA linking 2'-DEOXYGUANOSINE-5'-MONOPHOSPHATE 'C10 H14 N5 O7 P'
DT DNA linking THYMIDINE-5'-MONOPHOSPHATE 'C10 H15 N2 O8 P'
SO4 non-polymer 'SULFATE ION' 'O4 S -2'
#
# COMPACT_ATOMS: atom_id res chain seq x y z
N MET E 1 -50.18 44.72 13.35
CA MET E 1 -50.18 44.94 11.86
C MET E 1 -49.89 43.65 11.14
N ILE E 2 -50.82 43.26 10.28
CA ILE E 2 -50.67 42.02 9.54
C ILE E 2 -49.65 42.10 8.41
N ILE E 3 -48.70 41.20 8.42
CA ILE E 3 -47.66 41.19 7.41
C ILE E 3 -47.53 39.87 6.71
N GLY E 4 -47.46 39.92 5.38
CA GLY E 4 -47.33 38.70 4.61
C GLY E 4 -45.92 38.58 4.05
N TYR E 5 -45.60 37.41 3.51
CA TYR E 5 -44.29 37.15 2.92
C TYR E 5 -44.50 36.11 1.88
N ALA E 6 -44.10 36.41 0.66
CA ALA E 6 -44.29 35.45 -0.39
C ALA E 6 -42.95 35.19 -1.05
N ARG E 7 -42.87 34.04 -1.72
CA ARG E 7 -41.67 33.64 -2.42
C ARG E 7 -42.11 32.51 -3.33
N VAL E 8 -41.98 32.75 -4.63
CA VAL E 8 -42.39 31.76 -5.62
C VAL E 8 -41.55 30.49 -5.62
N SER E 9 -42.24 29.35 -5.45
CA SER E 9 -41.59 28.05 -5.44
C SER E 9 -41.28 27.77 -6.92
N SER E 10 -40.10 27.21 -7.21
CA SER E 10 -39.73 26.93 -8.60
C SER E 10 -40.76 26.01 -9.31
N LEU E 11 -41.48 25.22 -8.52
CA LEU E 11 -42.50 24.33 -9.05
C LEU E 11 -43.83 25.08 -9.15
N ASP E 12 -43.98 26.12 -8.33
CA ASP E 12 -45.19 26.96 -8.30
C ASP E 12 -44.88 28.43 -8.64
N GLN E 13 -44.57 28.69 -9.91
CA GLN E 13 -44.28 30.05 -10.34
C GLN E 13 -45.58 30.72 -10.78
N ASN E 14 -46.11 31.59 -9.92
CA ASN E 14 -47.36 32.29 -10.21
C ASN E 14 -47.38 33.66 -9.53
N LEU E 15 -46.71 33.75 -8.39
CA LEU E 15 -46.63 34.99 -7.62
C LEU E 15 -48.01 35.59 -7.36
N GLU E 16 -48.46 36.44 -8.28
CA GLU E 16 -49.74 37.10 -8.15
C GLU E 16 -50.79 36.33 -7.32
N ARG E 17 -51.10 35.09 -7.70
CA ARG E 17 -52.08 34.33 -6.93
C ARG E 17 -51.65 34.33 -5.46
N GLN E 18 -50.43 33.86 -5.23
CA GLN E 18 -49.87 33.80 -3.90
C GLN E 18 -50.16 35.13 -3.18
N LEU E 19 -49.83 36.24 -3.83
CA LEU E 19 -50.07 37.57 -3.27
C LEU E 19 -51.52 37.68 -2.82
N GLU E 20 -52.44 37.66 -3.77
CA GLU E 20 -53.86 37.75 -3.43
C GLU E 20 -54.06 36.94 -2.18
N ASN E 21 -53.91 35.63 -2.34
CA ASN E 21 -54.04 34.67 -1.24
C ASN E 21 -53.63 35.31 0.09
N LEU E 22 -52.46 35.91 0.12
CA LEU E 22 -52.00 36.53 1.36
C LEU E 22 -53.00 37.57 1.81
N LYS E 23 -53.28 38.55 0.95
CA LYS E 23 -54.24 39.60 1.29
C LYS E 23 -55.57 39.02 1.74
N THR E 24 -55.96 37.92 1.13
CA THR E 24 -57.22 37.25 1.46
C THR E 24 -57.27 36.90 2.94
N PHE E 25 -56.12 36.95 3.59
CA PHE E 25 -56.07 36.63 5.00
C PHE E 25 -55.75 37.83 5.85
N GLY E 26 -55.60 38.99 5.20
CA GLY E 26 -55.33 40.21 5.94
C GLY E 26 -54.03 40.93 5.68
N ALA E 27 -53.12 40.28 4.97
CA ALA E 27 -51.83 40.90 4.70
C ALA E 27 -51.99 42.38 4.34
N GLU E 28 -51.47 43.26 5.20
CA GLU E 28 -51.53 44.70 4.93
C GLU E 28 -50.29 45.06 4.13
N LYS E 29 -49.13 44.70 4.65
CA LYS E 29 -47.87 44.97 3.96
C LYS E 29 -47.31 43.61 3.56
N ILE E 30 -46.72 43.53 2.37
CA ILE E 30 -46.20 42.26 1.89
C ILE E 30 -44.79 42.28 1.34
N PHE E 31 -43.93 41.45 1.90
CA PHE E 31 -42.57 41.37 1.43
C PHE E 31 -42.48 40.27 0.38
N THR E 32 -41.69 40.48 -0.66
CA THR E 32 -41.56 39.48 -1.69
C THR E 32 -40.09 39.18 -1.91
N GLU E 33 -39.77 37.89 -1.96
CA GLU E 33 -38.40 37.44 -2.18
C GLU E 33 -38.23 37.32 -3.69
N LYS E 34 -37.13 37.86 -4.21
CA LYS E 34 -36.86 37.85 -5.65
C LYS E 34 -36.04 36.63 -6.08
N ASN E 42 -30.54 32.29 -0.39
CA ASN E 42 -30.14 33.01 0.82
C ASN E 42 -31.33 33.64 1.55
N ARG E 43 -32.35 34.01 0.78
CA ARG E 43 -33.58 34.62 1.29
C ARG E 43 -33.35 35.79 2.27
N PRO E 44 -32.89 36.93 1.75
CA PRO E 44 -32.62 38.14 2.53
C PRO E 44 -33.90 38.91 2.83
N ILE E 45 -34.80 39.01 1.85
CA ILE E 45 -36.04 39.72 2.06
C ILE E 45 -36.65 39.16 3.34
N LEU E 46 -36.79 37.84 3.38
CA LEU E 46 -37.37 37.18 4.53
C LEU E 46 -36.80 37.76 5.82
N GLN E 47 -35.49 37.71 5.99
CA GLN E 47 -34.92 38.24 7.22
C GLN E 47 -35.36 39.69 7.40
N LYS E 48 -35.42 40.43 6.32
CA LYS E 48 -35.86 41.82 6.42
C LYS E 48 -37.25 41.90 7.04
N ALA E 49 -38.19 41.15 6.47
CA ALA E 49 -39.55 41.13 6.97
C ALA E 49 -39.57 40.74 8.44
N LEU E 50 -38.85 39.70 8.79
CA LEU E 50 -38.82 39.26 10.16
C LEU E 50 -38.36 40.36 11.10
N ASN E 51 -37.47 41.21 10.63
CA ASN E 51 -36.97 42.29 11.48
C ASN E 51 -38.00 43.39 11.63
N PHE E 52 -38.85 43.48 10.63
CA PHE E 52 -39.89 44.50 10.60
C PHE E 52 -40.98 44.27 11.63
N VAL E 53 -41.47 43.04 11.69
CA VAL E 53 -42.52 42.67 12.61
C VAL E 53 -42.09 42.91 14.04
N ARG E 54 -43.07 43.07 14.93
CA ARG E 54 -42.81 43.37 16.33
C ARG E 54 -43.99 42.89 17.14
N MET E 55 -43.79 42.69 18.44
CA MET E 55 -44.87 42.23 19.31
C MET E 55 -46.24 42.82 18.97
N GLY E 56 -47.21 41.97 18.68
CA GLY E 56 -48.53 42.44 18.34
C GLY E 56 -48.93 42.16 16.91
N ASP E 57 -47.94 42.15 16.00
CA ASP E 57 -48.21 41.90 14.59
C ASP E 57 -48.46 40.42 14.32
N ARG E 58 -48.92 40.15 13.10
CA ARG E 58 -49.18 38.79 12.67
C ARG E 58 -48.40 38.55 11.36
N PHE E 59 -47.60 37.50 11.34
CA PHE E 59 -46.80 37.20 10.17
C PHE E 59 -47.50 36.12 9.34
N ILE E 60 -47.91 36.43 8.13
CA ILE E 60 -48.61 35.44 7.34
C ILE E 60 -47.83 34.88 6.19
N VAL E 61 -47.91 33.57 5.99
CA VAL E 61 -47.24 32.92 4.89
C VAL E 61 -48.10 31.78 4.40
N GLU E 62 -47.86 31.36 3.18
CA GLU E 62 -48.67 30.32 2.59
C GLU E 62 -48.37 28.92 3.13
N SER E 63 -47.09 28.60 3.28
CA SER E 63 -46.70 27.28 3.77
C SER E 63 -45.39 27.21 4.56
N ILE E 64 -45.33 26.34 5.56
CA ILE E 64 -44.14 26.18 6.38
C ILE E 64 -42.82 26.47 5.65
N ASP E 65 -42.59 25.76 4.57
CA ASP E 65 -41.36 25.93 3.81
C ASP E 65 -40.98 27.35 3.42
N ARG E 66 -41.92 28.29 3.46
CA ARG E 66 -41.56 29.64 3.08
C ARG E 66 -40.79 30.27 4.22
N LEU E 67 -40.68 29.56 5.33
CA LEU E 67 -39.97 30.10 6.48
C LEU E 67 -38.51 29.72 6.52
N GLY E 68 -38.08 28.91 5.55
CA GLY E 68 -36.70 28.48 5.52
C GLY E 68 -36.31 27.54 4.39
N ARG E 69 -35.01 27.59 4.04
CA ARG E 69 -34.37 26.80 3.00
C ARG E 69 -34.25 25.31 3.41
N ASN E 70 -34.43 25.04 4.69
CA ASN E 70 -34.34 23.68 5.22
C ASN E 70 -35.05 23.73 6.57
N TYR E 71 -35.41 22.57 7.10
CA TYR E 71 -36.09 22.54 8.38
C TYR E 71 -35.34 23.31 9.45
N ASN E 72 -34.08 22.95 9.69
CA ASN E 72 -33.28 23.66 10.69
C ASN E 72 -33.48 25.16 10.70
N GLU E 73 -33.69 25.75 9.52
CA GLU E 73 -33.89 27.19 9.43
C GLU E 73 -35.31 27.54 9.91
N VAL E 74 -36.28 26.76 9.45
CA VAL E 74 -37.65 27.00 9.86
C VAL E 74 -37.69 27.10 11.36
N ILE E 75 -37.04 26.17 12.03
CA ILE E 75 -37.01 26.20 13.47
C ILE E 75 -36.57 27.59 13.88
N HIS E 76 -35.41 27.99 13.39
CA HIS E 76 -34.90 29.32 13.74
C HIS E 76 -36.00 30.37 13.54
N THR E 77 -36.54 30.43 12.33
CA THR E 77 -37.59 31.37 12.01
C THR E 77 -38.68 31.33 13.07
N VAL E 78 -39.36 30.20 13.17
CA VAL E 78 -40.42 30.07 14.13
C VAL E 78 -39.95 30.50 15.51
N ASN E 79 -38.84 29.97 15.96
CA ASN E 79 -38.34 30.34 17.26
C ASN E 79 -38.25 31.83 17.37
N TYR E 80 -37.72 32.49 16.33
CA TYR E 80 -37.61 33.95 16.33
C TYR E 80 -38.96 34.59 16.66
N LEU E 81 -39.93 34.32 15.80
CA LEU E 81 -41.28 34.85 15.96
C LEU E 81 -41.82 34.57 17.33
N LYS E 82 -41.58 33.38 17.84
CA LYS E 82 -42.06 33.02 19.16
C LYS E 82 -41.54 33.96 20.23
N ASP E 83 -40.28 34.36 20.14
CA ASP E 83 -39.71 35.25 21.14
C ASP E 83 -40.14 36.69 20.97
N LYS E 84 -40.17 37.16 19.74
CA LYS E 84 -40.59 38.53 19.51
C LYS E 84 -42.10 38.62 19.74
N GLU E 85 -42.69 37.48 20.06
CA GLU E 85 -44.12 37.38 20.32
C GLU E 85 -44.98 37.85 19.17
N VAL E 86 -44.71 37.36 17.99
CA VAL E 86 -45.46 37.69 16.79
C VAL E 86 -46.34 36.51 16.40
N GLN E 87 -47.61 36.77 16.14
CA GLN E 87 -48.50 35.69 15.73
C GLN E 87 -48.04 35.07 14.41
N LEU E 88 -48.04 33.75 14.35
CA LEU E 88 -47.66 33.09 13.13
C LEU E 88 -48.89 32.47 12.54
N MET E 89 -49.05 32.66 11.26
CA MET E 89 -50.19 32.11 10.59
C MET E 89 -49.74 31.49 9.30
N ILE E 90 -50.37 30.36 9.00
CA ILE E 90 -50.03 29.64 7.80
C ILE E 90 -51.27 29.32 7.01
N THR E 91 -51.35 29.96 5.84
CA THR E 91 -52.45 29.81 4.89
C THR E 91 -53.03 28.44 4.56
N SER E 92 -52.22 27.58 4.00
CA SER E 92 -52.69 26.26 3.60
C SER E 92 -53.42 25.41 4.64
N LEU E 93 -53.24 25.71 5.91
CA LEU E 93 -53.90 24.93 6.95
C LEU E 93 -55.39 25.07 7.05
N PRO E 94 -56.10 23.95 6.92
CA PRO E 94 -57.56 23.97 7.01
C PRO E 94 -57.93 24.58 8.35
N MET E 95 -58.91 25.46 8.35
CA MET E 95 -59.36 26.06 9.60
C MET E 95 -58.28 26.89 10.33
N MET E 96 -57.25 27.34 9.62
CA MET E 96 -56.21 28.12 10.29
C MET E 96 -56.75 29.37 10.98
N ASN E 97 -57.77 30.01 10.42
CA ASN E 97 -58.34 31.19 11.07
C ASN E 97 -59.02 30.71 12.33
N GLU E 98 -60.01 29.84 12.18
CA GLU E 98 -60.76 29.25 13.29
C GLU E 98 -59.80 29.01 14.44
N VAL E 99 -58.58 28.66 14.08
CA VAL E 99 -57.53 28.37 15.03
C VAL E 99 -56.97 29.61 15.72
N ILE E 100 -56.33 30.50 14.97
CA ILE E 100 -55.74 31.67 15.60
C ILE E 100 -56.72 32.78 16.00
N GLY E 101 -58.00 32.43 16.00
CA GLY E 101 -59.03 33.39 16.41
C GLY E 101 -59.05 33.29 17.93
N ASN E 102 -58.29 32.32 18.40
CA ASN E 102 -58.09 32.05 19.81
C ASN E 102 -56.68 32.59 20.01
N PRO E 103 -56.39 33.17 21.18
CA PRO E 103 -55.02 33.66 21.33
C PRO E 103 -54.06 32.59 21.83
N LEU E 104 -54.58 31.58 22.51
CA LEU E 104 -53.72 30.54 23.03
C LEU E 104 -53.30 29.50 22.05
N LEU E 105 -53.96 29.44 20.91
CA LEU E 105 -53.59 28.43 19.95
C LEU E 105 -52.42 28.89 19.15
N ASP E 106 -51.92 30.05 19.54
CA ASP E 106 -50.74 30.62 18.93
C ASP E 106 -49.58 29.91 19.62
N LYS E 107 -49.29 30.29 20.88
CA LYS E 107 -48.22 29.65 21.65
C LYS E 107 -48.10 28.18 21.21
N PHE E 108 -49.23 27.50 21.23
CA PHE E 108 -49.35 26.11 20.85
C PHE E 108 -48.70 25.81 19.50
N MET E 109 -49.37 26.17 18.42
CA MET E 109 -48.83 25.92 17.11
C MET E 109 -47.34 26.15 17.06
N LYS E 110 -46.90 27.32 17.52
CA LYS E 110 -45.47 27.63 17.52
C LYS E 110 -44.64 26.54 18.18
N ASP E 111 -44.98 26.19 19.41
CA ASP E 111 -44.21 25.18 20.10
C ASP E 111 -44.21 23.85 19.38
N LEU E 112 -45.39 23.32 19.11
CA LEU E 112 -45.52 22.04 18.43
C LEU E 112 -44.62 21.94 17.19
N ILE E 113 -44.68 22.97 16.34
CA ILE E 113 -43.87 23.00 15.14
C ILE E 113 -42.44 22.75 15.56
N ILE E 114 -41.92 23.62 16.39
CA ILE E 114 -40.57 23.49 16.89
C ILE E 114 -40.28 22.06 17.31
N GLN E 115 -41.09 21.57 18.25
CA GLN E 115 -40.96 20.22 18.76
C GLN E 115 -40.73 19.29 17.62
N ILE E 116 -41.83 18.89 16.99
CA ILE E 116 -41.79 18.00 15.85
C ILE E 116 -40.48 18.11 15.08
N LEU E 117 -40.19 19.29 14.57
CA LEU E 117 -38.98 19.50 13.81
C LEU E 117 -37.75 19.07 14.55
N ALA E 118 -37.63 19.47 15.81
CA ALA E 118 -36.46 19.09 16.59
C ALA E 118 -36.43 17.57 16.73
N MET E 119 -37.57 17.00 16.99
CA MET E 119 -37.68 15.55 17.14
C MET E 119 -37.27 14.90 15.81
N VAL E 120 -37.08 15.71 14.78
CA VAL E 120 -36.69 15.20 13.48
C VAL E 120 -35.20 15.27 13.27
N SER E 121 -34.61 16.39 13.66
CA SER E 121 -33.17 16.56 13.51
C SER E 121 -32.52 15.49 14.37
N GLU E 122 -32.99 15.37 15.61
CA GLU E 122 -32.45 14.38 16.53
C GLU E 122 -32.84 12.98 16.11
N GLN E 123 -33.16 12.83 14.83
CA GLN E 123 -33.49 11.52 14.30
C GLN E 123 -32.43 11.30 13.25
N GLU E 124 -32.04 12.38 12.59
CA GLU E 124 -31.02 12.31 11.56
C GLU E 124 -29.66 12.31 12.25
N ARG E 125 -29.54 13.12 13.29
CA ARG E 125 -28.29 13.22 14.07
C ARG E 125 -27.81 11.83 14.44
N ASN E 126 -28.69 10.85 14.32
CA ASN E 126 -28.35 9.50 14.67
C ASN E 126 -28.59 8.52 13.54
N GLU E 127 -28.88 9.03 12.35
CA GLU E 127 -29.11 8.15 11.22
C GLU E 127 -27.87 7.27 11.07
N SER E 128 -26.73 7.80 11.50
CA SER E 128 -25.48 7.07 11.44
C SER E 128 -25.63 5.76 12.21
N LYS E 129 -25.29 5.84 13.49
CA LYS E 129 -25.36 4.68 14.35
C LYS E 129 -26.57 3.82 14.06
N ARG E 130 -27.64 4.46 13.60
CA ARG E 130 -28.86 3.74 13.33
C ARG E 130 -28.68 2.67 12.29
N ARG E 131 -28.21 3.06 11.11
CA ARG E 131 -28.02 2.07 10.07
C ARG E 131 -26.93 1.10 10.45
N GLN E 132 -25.93 1.60 11.19
CA GLN E 132 -24.85 0.74 11.64
C GLN E 132 -25.45 -0.32 12.56
N ALA E 133 -25.97 0.11 13.70
CA ALA E 133 -26.56 -0.81 14.66
C ALA E 133 -27.57 -1.70 13.95
N GLN E 134 -28.25 -1.13 12.97
CA GLN E 134 -29.24 -1.85 12.21
C GLN E 134 -28.57 -3.02 11.51
N GLY E 135 -27.46 -2.73 10.82
CA GLY E 135 -26.70 -3.75 10.09
C GLY E 135 -26.03 -4.79 10.98
N ILE E 136 -25.41 -4.31 12.05
CA ILE E 136 -24.78 -5.21 12.98
C ILE E 136 -25.80 -6.27 13.35
N GLN E 137 -26.87 -5.82 14.01
CA GLN E 137 -27.92 -6.72 14.47
C GLN E 137 -28.27 -7.77 13.43
N VAL E 138 -28.57 -7.34 12.23
CA VAL E 138 -28.92 -8.29 11.19
C VAL E 138 -27.89 -9.41 11.14
N ALA E 139 -26.63 -8.99 11.10
CA ALA E 139 -25.49 -9.88 11.02
C ALA E 139 -25.42 -10.73 12.27
N LYS E 140 -25.37 -10.08 13.41
CA LYS E 140 -25.31 -10.76 14.70
C LYS E 140 -26.33 -11.89 14.73
N GLU E 141 -27.36 -11.77 13.90
CA GLU E 141 -28.43 -12.75 13.83
C GLU E 141 -28.00 -13.88 12.91
N LYS E 142 -27.25 -13.50 11.88
CA LYS E 142 -26.74 -14.43 10.88
C LYS E 142 -25.59 -15.24 11.45
N GLY E 143 -25.23 -14.95 12.70
CA GLY E 143 -24.13 -15.65 13.35
C GLY E 143 -22.80 -15.39 12.67
N VAL E 144 -22.45 -14.12 12.56
CA VAL E 144 -21.23 -13.71 11.90
C VAL E 144 -20.16 -13.41 12.91
N TYR E 145 -20.47 -12.49 13.83
CA TYR E 145 -19.53 -12.14 14.87
C TYR E 145 -19.12 -13.42 15.59
N LYS E 146 -17.83 -13.76 15.51
CA LYS E 146 -17.36 -14.99 16.14
C LYS E 146 -16.15 -14.84 17.05
N GLY E 147 -16.10 -13.71 17.75
CA GLY E 147 -15.00 -13.46 18.66
C GLY E 147 -13.66 -13.35 17.95
N ARG E 148 -12.62 -13.66 18.71
CA ARG E 148 -11.25 -13.62 18.21
C ARG E 148 -10.87 -14.97 17.62
N PRO E 149 -10.18 -14.96 16.48
CA PRO E 149 -9.79 -16.24 15.88
C PRO E 149 -8.43 -16.58 16.51
N LEU E 150 -7.93 -17.79 16.31
CA LEU E 150 -6.67 -18.20 16.89
C LEU E 150 -5.54 -17.26 16.51
N LEU E 151 -4.71 -16.95 17.49
CA LEU E 151 -3.58 -16.07 17.24
C LEU E 151 -2.36 -16.85 16.85
N TYR E 152 -2.28 -18.10 17.32
CA TYR E 152 -1.16 -18.94 16.99
C TYR E 152 -1.69 -20.22 16.42
N SER E 153 -1.50 -20.39 15.12
CA SER E 153 -1.94 -21.59 14.40
C SER E 153 -1.65 -21.32 12.95
N PRO E 154 -1.57 -22.37 12.13
CA PRO E 154 -1.30 -22.02 10.73
C PRO E 154 -2.48 -21.16 10.30
N ASN E 155 -2.40 -20.54 9.13
CA ASN E 155 -3.48 -19.67 8.65
C ASN E 155 -3.50 -18.32 9.36
N ALA E 156 -3.25 -18.31 10.66
CA ALA E 156 -3.26 -17.07 11.43
C ALA E 156 -2.77 -15.86 10.64
N LYS E 157 -3.45 -14.74 10.81
CA LYS E 157 -3.11 -13.49 10.14
C LYS E 157 -1.60 -13.25 10.04
N ASP E 158 -0.98 -12.85 11.15
CA ASP E 158 0.46 -12.57 11.19
C ASP E 158 1.31 -13.81 10.92
N PRO E 159 2.04 -13.80 9.79
CA PRO E 159 2.90 -14.92 9.39
C PRO E 159 3.86 -15.39 10.45
N GLN E 160 4.41 -14.44 11.22
CA GLN E 160 5.38 -14.78 12.25
C GLN E 160 4.77 -15.67 13.29
N LYS E 161 3.59 -15.32 13.77
CA LYS E 161 3.00 -16.18 14.74
C LYS E 161 2.85 -17.55 14.13
N ARG E 162 2.58 -17.61 12.83
CA ARG E 162 2.46 -18.92 12.20
C ARG E 162 3.74 -19.67 12.53
N VAL E 163 4.86 -19.01 12.26
CA VAL E 163 6.15 -19.61 12.52
C VAL E 163 6.24 -20.08 13.95
N ILE E 164 5.86 -19.21 14.87
CA ILE E 164 5.90 -19.60 16.26
C ILE E 164 5.07 -20.85 16.51
N TYR E 165 3.82 -20.82 16.09
CA TYR E 165 2.95 -21.96 16.28
C TYR E 165 3.69 -23.25 15.97
N HIS E 166 4.19 -23.34 14.75
CA HIS E 166 4.89 -24.54 14.34
C HIS E 166 6.00 -24.93 15.29
N ARG E 167 6.86 -23.98 15.60
CA ARG E 167 7.95 -24.29 16.51
C ARG E 167 7.41 -24.88 17.81
N VAL E 168 6.29 -24.36 18.29
CA VAL E 168 5.72 -24.87 19.52
C VAL E 168 5.50 -26.36 19.31
N VAL E 169 4.76 -26.68 18.26
CA VAL E 169 4.47 -28.07 17.92
C VAL E 169 5.74 -28.89 17.88
N GLU E 170 6.64 -28.51 16.98
CA GLU E 170 7.91 -29.19 16.83
C GLU E 170 8.49 -29.50 18.22
N MET E 171 8.49 -28.50 19.08
CA MET E 171 9.01 -28.67 20.43
C MET E 171 8.17 -29.63 21.25
N LEU E 172 6.95 -29.87 20.82
CA LEU E 172 6.10 -30.80 21.55
C LEU E 172 6.46 -32.22 21.17
N GLU E 173 6.58 -32.46 19.87
CA GLU E 173 6.95 -33.78 19.33
C GLU E 173 8.34 -34.14 19.87
N GLU E 174 9.22 -33.15 19.86
CA GLU E 174 10.58 -33.29 20.35
C GLU E 174 10.50 -33.63 21.84
N GLY E 175 9.28 -33.65 22.37
CA GLY E 175 9.04 -34.00 23.76
C GLY E 175 9.56 -33.04 24.82
N GLN E 176 9.84 -31.78 24.47
CA GLN E 176 10.33 -30.85 25.48
C GLN E 176 9.24 -30.56 26.54
N ALA E 177 9.60 -29.83 27.59
CA ALA E 177 8.65 -29.53 28.66
C ALA E 177 7.83 -28.29 28.39
N ILE E 178 6.61 -28.28 28.90
CA ILE E 178 5.75 -27.15 28.71
C ILE E 178 6.47 -25.86 29.07
N SER E 179 6.72 -25.70 30.36
CA SER E 179 7.39 -24.51 30.88
C SER E 179 8.48 -23.97 29.97
N LYS E 180 9.32 -24.88 29.49
CA LYS E 180 10.41 -24.43 28.65
C LYS E 180 9.83 -23.84 27.36
N ILE E 181 8.87 -24.55 26.76
CA ILE E 181 8.23 -24.08 25.54
C ILE E 181 7.74 -22.66 25.75
N ALA E 182 6.88 -22.51 26.75
CA ALA E 182 6.33 -21.22 27.08
C ALA E 182 7.39 -20.12 27.06
N LYS E 183 8.38 -20.23 27.93
CA LYS E 183 9.43 -19.22 28.00
C LYS E 183 10.14 -19.02 26.70
N GLU E 184 10.40 -20.12 25.99
CA GLU E 184 11.10 -20.01 24.74
C GLU E 184 10.35 -19.25 23.65
N VAL E 185 9.04 -19.29 23.74
CA VAL E 185 8.23 -18.63 22.75
C VAL E 185 7.44 -17.47 23.30
N ASN E 186 7.72 -17.10 24.55
CA ASN E 186 7.03 -15.98 25.19
C ASN E 186 5.52 -16.11 25.09
N ILE E 187 5.03 -17.28 25.49
CA ILE E 187 3.62 -17.57 25.45
C ILE E 187 3.20 -18.12 26.81
N THR E 188 1.90 -18.21 27.04
CA THR E 188 1.40 -18.74 28.29
C THR E 188 1.34 -20.23 28.22
N ARG E 189 1.47 -20.87 29.37
CA ARG E 189 1.42 -22.31 29.39
C ARG E 189 0.06 -22.70 28.81
N GLN E 190 -0.98 -22.11 29.40
CA GLN E 190 -2.35 -22.41 28.99
C GLN E 190 -2.43 -22.47 27.49
N THR E 191 -1.82 -21.47 26.88
CA THR E 191 -1.81 -21.33 25.43
C THR E 191 -1.13 -22.51 24.76
N VAL E 192 0.03 -22.89 25.28
CA VAL E 192 0.75 -24.02 24.73
C VAL E 192 -0.16 -25.24 24.83
N TYR E 193 -0.77 -25.42 25.99
CA TYR E 193 -1.66 -26.54 26.18
C TYR E 193 -2.71 -26.52 25.08
N ARG E 194 -3.31 -25.36 24.86
CA ARG E 194 -4.31 -25.21 23.83
C ARG E 194 -3.75 -25.76 22.52
N ILE E 195 -2.52 -25.38 22.20
CA ILE E 195 -1.94 -25.86 20.97
C ILE E 195 -1.77 -27.36 20.99
N LYS E 196 -1.52 -27.91 22.17
CA LYS E 196 -1.34 -29.35 22.31
C LYS E 196 -2.64 -30.07 22.09
N HIS E 197 -3.51 -29.85 23.08
CA HIS E 197 -4.85 -30.40 23.18
C HIS E 197 -5.67 -30.04 21.94
N ASP E 198 -5.00 -29.45 20.96
CA ASP E 198 -5.64 -29.04 19.70
C ASP E 198 -5.06 -29.89 18.56
N ASN E 199 -3.74 -30.10 18.62
CA ASN E 199 -3.03 -30.89 17.61
C ASN E 199 -3.43 -32.37 17.66
N GLY E 200 -4.18 -32.77 16.64
CA GLY E 200 -4.66 -34.12 16.53
C GLY E 200 -5.94 -34.15 15.68
N MET F 1 -61.56 3.44 22.37
CA MET F 1 -60.64 2.47 23.04
C MET F 1 -59.20 2.85 22.73
N ILE F 2 -58.41 3.06 23.78
CA ILE F 2 -57.03 3.43 23.60
C ILE F 2 -56.14 2.29 23.18
N ILE F 3 -55.45 2.45 22.05
CA ILE F 3 -54.57 1.43 21.53
C ILE F 3 -53.15 1.88 21.32
N GLY F 4 -52.21 1.06 21.78
CA GLY F 4 -50.82 1.41 21.62
C GLY F 4 -50.17 0.55 20.57
N TYR F 5 -48.94 0.90 20.18
CA TYR F 5 -48.18 0.15 19.19
C TYR F 5 -46.74 0.39 19.50
N ALA F 6 -45.99 -0.67 19.72
CA ALA F 6 -44.61 -0.49 20.02
C ALA F 6 -43.79 -1.28 19.03
N ARG F 7 -42.53 -0.89 18.90
CA ARG F 7 -41.60 -1.55 18.00
C ARG F 7 -40.23 -1.11 18.41
N VAL F 8 -39.42 -2.03 18.88
CA VAL F 8 -38.08 -1.72 19.33
C VAL F 8 -37.15 -1.23 18.23
N SER F 9 -36.59 -0.03 18.45
CA SER F 9 -35.64 0.57 17.52
C SER F 9 -34.34 -0.18 17.75
N SER F 10 -33.60 -0.47 16.68
CA SER F 10 -32.36 -1.22 16.81
C SER F 10 -31.36 -0.51 17.72
N LEU F 11 -31.50 0.80 17.83
CA LEU F 11 -30.62 1.58 18.69
C LEU F 11 -31.19 1.61 20.11
N ASP F 12 -32.50 1.41 20.23
CA ASP F 12 -33.20 1.39 21.52
C ASP F 12 -33.91 0.06 21.79
N GLN F 13 -33.12 -0.98 22.07
CA GLN F 13 -33.68 -2.29 22.36
C GLN F 13 -33.95 -2.40 23.85
N ASN F 14 -35.22 -2.28 24.23
CA ASN F 14 -35.63 -2.35 25.63
C ASN F 14 -37.04 -2.91 25.75
N LEU F 15 -37.87 -2.63 24.75
CA LEU F 15 -39.25 -3.10 24.74
C LEU F 15 -39.99 -2.75 26.01
N GLU F 16 -39.93 -3.63 27.00
CA GLU F 16 -40.61 -3.42 28.27
C GLU F 16 -40.82 -1.96 28.65
N ARG F 17 -39.75 -1.17 28.72
CA ARG F 17 -39.95 0.23 29.07
C ARG F 17 -40.96 0.86 28.13
N GLN F 18 -40.70 0.74 26.84
CA GLN F 18 -41.58 1.29 25.82
C GLN F 18 -43.01 0.89 26.18
N LEU F 19 -43.24 -0.39 26.41
CA LEU F 19 -44.57 -0.88 26.76
C LEU F 19 -45.18 -0.05 27.88
N GLU F 20 -44.66 -0.17 29.09
CA GLU F 20 -45.21 0.62 30.19
C GLU F 20 -45.44 2.05 29.78
N ASN F 21 -44.45 2.64 29.12
CA ASN F 21 -44.55 4.02 28.70
C ASN F 21 -45.81 4.26 27.90
N LEU F 22 -46.26 3.23 27.19
CA LEU F 22 -47.49 3.31 26.43
C LEU F 22 -48.66 3.30 27.41
N LYS F 23 -48.71 2.27 28.26
CA LYS F 23 -49.78 2.16 29.26
C LYS F 23 -49.87 3.43 30.09
N THR F 24 -48.71 4.01 30.38
CA THR F 24 -48.65 5.23 31.17
C THR F 24 -49.50 6.34 30.52
N PHE F 25 -49.90 6.13 29.28
CA PHE F 25 -50.71 7.11 28.60
C PHE F 25 -52.10 6.62 28.32
N GLY F 26 -52.37 5.39 28.75
CA GLY F 26 -53.69 4.82 28.58
C GLY F 26 -53.84 3.57 27.75
N ALA F 27 -52.80 3.22 27.02
CA ALA F 27 -52.86 2.04 26.17
C ALA F 27 -53.59 0.91 26.86
N GLU F 28 -54.73 0.52 26.31
CA GLU F 28 -55.52 -0.58 26.86
C GLU F 28 -55.02 -1.87 26.19
N LYS F 29 -55.04 -1.88 24.86
CA LYS F 29 -54.57 -3.02 24.11
C LYS F 29 -53.30 -2.55 23.41
N ILE F 30 -52.31 -3.41 23.32
CA ILE F 30 -51.04 -3.05 22.71
C ILE F 30 -50.51 -4.01 21.70
N PHE F 31 -50.25 -3.52 20.50
CA PHE F 31 -49.70 -4.38 19.47
C PHE F 31 -48.18 -4.21 19.45
N THR F 32 -47.48 -5.32 19.25
CA THR F 32 -46.04 -5.26 19.22
C THR F 32 -45.50 -5.84 17.93
N GLU F 33 -44.56 -5.13 17.32
CA GLU F 33 -43.96 -5.58 16.07
C GLU F 33 -42.74 -6.40 16.48
N LYS F 34 -42.60 -7.58 15.85
CA LYS F 34 -41.51 -8.50 16.15
C LYS F 34 -40.28 -8.28 15.26
N ASN F 42 -40.94 -4.64 7.05
CA ASN F 42 -42.26 -4.65 6.43
C ASN F 42 -43.36 -4.15 7.36
N ARG F 43 -43.15 -4.35 8.66
CA ARG F 43 -44.07 -3.91 9.71
C ARG F 43 -45.54 -4.28 9.46
N PRO F 44 -45.87 -5.57 9.57
CA PRO F 44 -47.22 -6.10 9.37
C PRO F 44 -48.13 -5.89 10.59
N ILE F 45 -47.58 -6.07 11.77
CA ILE F 45 -48.35 -5.86 12.99
C ILE F 45 -48.99 -4.49 12.89
N LEU F 46 -48.15 -3.49 12.63
CA LEU F 46 -48.61 -2.12 12.51
C LEU F 46 -49.86 -2.06 11.68
N GLN F 47 -49.77 -2.49 10.43
CA GLN F 47 -50.96 -2.45 9.60
C GLN F 47 -52.09 -3.12 10.38
N LYS F 48 -51.84 -4.29 10.98
CA LYS F 48 -52.89 -4.97 11.73
C LYS F 48 -53.55 -4.05 12.75
N ALA F 49 -52.74 -3.41 13.56
CA ALA F 49 -53.25 -2.49 14.57
C ALA F 49 -54.09 -1.40 13.93
N LEU F 50 -53.57 -0.81 12.86
CA LEU F 50 -54.29 0.23 12.18
C LEU F 50 -55.68 -0.22 11.72
N ASN F 51 -55.81 -1.48 11.35
CA ASN F 51 -57.10 -1.99 10.88
C ASN F 51 -58.04 -2.19 12.03
N PHE F 52 -57.46 -2.43 13.19
CA PHE F 52 -58.24 -2.67 14.39
C PHE F 52 -58.97 -1.43 14.88
N VAL F 53 -58.26 -0.32 14.95
CA VAL F 53 -58.84 0.93 15.42
C VAL F 53 -60.05 1.35 14.58
N ARG F 54 -61.01 1.99 15.25
CA ARG F 54 -62.28 2.50 14.68
C ARG F 54 -62.60 3.90 15.18
N MET F 55 -63.27 4.70 14.36
CA MET F 55 -63.68 6.04 14.77
C MET F 55 -63.98 6.07 16.27
N GLY F 56 -63.31 6.95 16.99
CA GLY F 56 -63.53 7.07 18.42
C GLY F 56 -62.34 6.64 19.26
N ASP F 57 -61.56 5.69 18.75
CA ASP F 57 -60.38 5.19 19.47
C ASP F 57 -59.23 6.16 19.38
N ARG F 58 -58.21 5.89 20.18
CA ARG F 58 -57.03 6.72 20.17
C ARG F 58 -55.85 5.79 19.94
N PHE F 59 -55.00 6.15 18.98
CA PHE F 59 -53.85 5.34 18.63
C PHE F 59 -52.61 5.96 19.28
N ILE F 60 -51.97 5.24 20.19
CA ILE F 60 -50.79 5.80 20.84
C ILE F 60 -49.47 5.19 20.42
N VAL F 61 -48.46 6.02 20.23
CA VAL F 61 -47.13 5.54 19.88
C VAL F 61 -46.12 6.46 20.49
N GLU F 62 -44.91 5.96 20.63
CA GLU F 62 -43.87 6.73 21.27
C GLU F 62 -43.31 7.84 20.40
N SER F 63 -43.05 7.56 19.14
CA SER F 63 -42.48 8.57 18.26
C SER F 63 -42.84 8.46 16.79
N ILE F 64 -42.96 9.59 16.12
CA ILE F 64 -43.33 9.63 14.71
C ILE F 64 -42.89 8.42 13.94
N ASP F 65 -41.59 8.19 13.95
CA ASP F 65 -41.02 7.08 13.21
C ASP F 65 -41.62 5.69 13.40
N ARG F 66 -42.39 5.50 14.45
CA ARG F 66 -42.95 4.17 14.64
C ARG F 66 -44.14 4.04 13.70
N LEU F 67 -44.47 5.12 12.99
CA LEU F 67 -45.60 5.06 12.08
C LEU F 67 -45.21 4.65 10.67
N GLY F 68 -43.92 4.49 10.43
CA GLY F 68 -43.46 4.12 9.11
C GLY F 68 -41.95 4.01 8.98
N ARG F 69 -41.50 3.24 8.01
CA ARG F 69 -40.07 3.05 7.80
C ARG F 69 -39.43 4.30 7.21
N ASN F 70 -40.24 5.03 6.46
CA ASN F 70 -39.76 6.25 5.82
C ASN F 70 -40.89 7.26 5.94
N TYR F 71 -40.57 8.53 5.77
CA TYR F 71 -41.59 9.58 5.87
C TYR F 71 -42.83 9.35 5.05
N ASN F 72 -42.69 9.17 3.75
CA ASN F 72 -43.88 8.95 2.95
C ASN F 72 -44.82 7.90 3.50
N GLU F 73 -44.28 6.91 4.21
CA GLU F 73 -45.16 5.90 4.78
C GLU F 73 -45.91 6.58 5.93
N VAL F 74 -45.17 7.31 6.77
CA VAL F 74 -45.79 8.01 7.90
C VAL F 74 -46.97 8.80 7.39
N ILE F 75 -46.75 9.55 6.32
CA ILE F 75 -47.84 10.31 5.77
C ILE F 75 -49.00 9.35 5.57
N HIS F 76 -48.78 8.27 4.84
CA HIS F 76 -49.84 7.32 4.60
C HIS F 76 -50.53 6.98 5.93
N THR F 77 -49.74 6.53 6.90
CA THR F 77 -50.25 6.17 8.21
C THR F 77 -51.13 7.27 8.76
N VAL F 78 -50.53 8.41 9.00
CA VAL F 78 -51.26 9.53 9.54
C VAL F 78 -52.52 9.78 8.75
N ASN F 79 -52.37 9.92 7.44
CA ASN F 79 -53.52 10.15 6.62
C ASN F 79 -54.57 9.11 6.99
N TYR F 80 -54.22 7.83 6.94
CA TYR F 80 -55.17 6.78 7.26
C TYR F 80 -55.98 7.13 8.49
N LEU F 81 -55.28 7.27 9.62
CA LEU F 81 -55.91 7.60 10.88
C LEU F 81 -56.83 8.83 10.76
N LYS F 82 -56.37 9.83 10.03
CA LYS F 82 -57.15 11.04 9.84
C LYS F 82 -58.52 10.75 9.22
N ASP F 83 -58.56 9.84 8.25
CA ASP F 83 -59.82 9.54 7.59
C ASP F 83 -60.70 8.66 8.42
N LYS F 84 -60.12 7.65 9.07
CA LYS F 84 -60.91 6.76 9.91
C LYS F 84 -61.30 7.52 11.17
N GLU F 85 -60.84 8.77 11.25
CA GLU F 85 -61.12 9.64 12.37
C GLU F 85 -60.69 9.08 13.73
N VAL F 86 -59.45 8.63 13.81
CA VAL F 86 -58.90 8.08 15.03
C VAL F 86 -57.91 9.06 15.63
N GLN F 87 -58.04 9.33 16.92
CA GLN F 87 -57.11 10.24 17.56
C GLN F 87 -55.69 9.72 17.48
N LEU F 88 -54.75 10.59 17.16
CA LEU F 88 -53.35 10.20 17.11
C LEU F 88 -52.67 10.90 18.28
N MET F 89 -51.94 10.17 19.10
CA MET F 89 -51.27 10.78 20.24
C MET F 89 -49.87 10.21 20.33
N ILE F 90 -48.86 11.08 20.28
CA ILE F 90 -47.46 10.71 20.30
C ILE F 90 -46.77 11.05 21.60
N THR F 91 -46.33 10.01 22.30
CA THR F 91 -45.64 10.12 23.57
C THR F 91 -44.57 11.19 23.76
N SER F 92 -43.61 11.32 22.84
CA SER F 92 -42.56 12.34 23.00
C SER F 92 -42.96 13.78 22.66
N LEU F 93 -44.16 13.97 22.10
CA LEU F 93 -44.69 15.31 21.81
C LEU F 93 -45.89 15.39 22.75
N PRO F 94 -45.62 15.25 24.05
CA PRO F 94 -46.63 15.26 25.11
C PRO F 94 -47.68 16.35 25.02
N MET F 95 -47.29 17.55 24.64
CA MET F 95 -48.28 18.58 24.61
C MET F 95 -49.48 18.22 23.76
N MET F 96 -49.39 17.19 22.93
CA MET F 96 -50.56 16.88 22.15
C MET F 96 -51.77 16.57 23.03
N ASN F 97 -51.54 15.92 24.16
CA ASN F 97 -52.63 15.57 25.07
C ASN F 97 -53.50 16.77 25.41
N GLU F 98 -52.87 17.90 25.71
CA GLU F 98 -53.61 19.10 26.05
C GLU F 98 -54.76 19.35 25.09
N VAL F 99 -54.62 18.87 23.87
CA VAL F 99 -55.65 19.15 22.90
C VAL F 99 -56.48 18.04 22.23
N ILE F 100 -56.00 16.81 22.11
CA ILE F 100 -56.80 15.78 21.44
C ILE F 100 -58.30 15.81 21.71
N GLY F 101 -58.67 16.06 22.96
CA GLY F 101 -60.10 16.10 23.29
C GLY F 101 -60.92 16.59 22.12
N ASN F 102 -60.82 17.89 21.85
CA ASN F 102 -61.51 18.54 20.75
C ASN F 102 -61.02 17.98 19.42
N PRO F 103 -61.93 17.49 18.56
CA PRO F 103 -61.54 16.93 17.28
C PRO F 103 -61.11 17.95 16.24
N LEU F 104 -61.42 19.23 16.46
CA LEU F 104 -61.03 20.24 15.49
C LEU F 104 -59.52 20.44 15.50
N LEU F 105 -58.96 20.48 16.70
CA LEU F 105 -57.55 20.67 16.86
C LEU F 105 -56.84 19.38 16.56
N ASP F 106 -57.58 18.27 16.65
CA ASP F 106 -56.96 16.99 16.37
C ASP F 106 -56.62 16.97 14.90
N LYS F 107 -57.63 17.04 14.05
CA LYS F 107 -57.37 17.06 12.63
C LYS F 107 -56.18 17.97 12.43
N PHE F 108 -56.34 19.23 12.84
CA PHE F 108 -55.30 20.23 12.72
C PHE F 108 -53.90 19.67 12.94
N MET F 109 -53.66 19.14 14.13
CA MET F 109 -52.35 18.57 14.45
C MET F 109 -51.89 17.64 13.36
N LYS F 110 -52.66 16.59 13.12
CA LYS F 110 -52.32 15.66 12.05
C LYS F 110 -51.97 16.49 10.83
N ASP F 111 -52.95 17.23 10.35
CA ASP F 111 -52.74 18.08 9.19
C ASP F 111 -51.40 18.78 9.24
N LEU F 112 -51.12 19.39 10.38
CA LEU F 112 -49.86 20.08 10.56
C LEU F 112 -48.72 19.09 10.49
N ILE F 113 -48.80 18.05 11.32
CA ILE F 113 -47.74 17.04 11.36
C ILE F 113 -47.37 16.62 9.97
N ILE F 114 -48.39 16.50 9.15
CA ILE F 114 -48.19 16.10 7.78
C ILE F 114 -47.38 17.15 7.05
N GLN F 115 -47.88 18.38 7.00
CA GLN F 115 -47.14 19.41 6.29
C GLN F 115 -45.67 19.46 6.72
N ILE F 116 -45.41 19.56 8.01
CA ILE F 116 -44.03 19.61 8.46
C ILE F 116 -43.27 18.45 7.86
N LEU F 117 -43.78 17.24 8.05
CA LEU F 117 -43.08 16.08 7.50
C LEU F 117 -42.93 16.19 5.99
N ALA F 118 -44.06 16.32 5.29
CA ALA F 118 -44.05 16.43 3.83
C ALA F 118 -42.96 17.38 3.39
N MET F 119 -42.75 18.43 4.17
CA MET F 119 -41.71 19.37 3.83
C MET F 119 -40.37 18.69 3.99
N VAL F 120 -40.04 18.29 5.21
CA VAL F 120 -38.77 17.64 5.50
C VAL F 120 -38.45 16.55 4.49
N SER F 121 -39.49 15.99 3.88
CA SER F 121 -39.31 14.92 2.89
C SER F 121 -38.59 15.42 1.64
N GLU F 122 -38.40 16.72 1.53
CA GLU F 122 -37.70 17.29 0.38
C GLU F 122 -36.27 17.57 0.80
N GLN F 123 -36.12 18.41 1.81
CA GLN F 123 -34.82 18.80 2.33
C GLN F 123 -33.91 17.58 2.52
N GLU F 124 -34.49 16.38 2.49
CA GLU F 124 -33.72 15.15 2.66
C GLU F 124 -33.77 14.31 1.39
N ARG F 125 -34.68 14.68 0.48
CA ARG F 125 -34.85 13.98 -0.77
C ARG F 125 -34.10 14.70 -1.92
N ASN F 126 -33.84 15.99 -1.75
CA ASN F 126 -33.13 16.77 -2.76
C ASN F 126 -31.64 16.88 -2.43
N GLU F 127 -31.14 15.95 -1.63
CA GLU F 127 -29.75 15.96 -1.23
C GLU F 127 -28.89 14.79 -1.70
N SER F 128 -29.40 13.56 -1.58
CA SER F 128 -28.66 12.37 -2.01
C SER F 128 -29.20 11.76 -3.31
N LYS F 129 -28.91 12.40 -4.44
CA LYS F 129 -29.36 11.94 -5.76
C LYS F 129 -28.37 10.98 -6.43
N GLN F 132 -29.92 5.84 -6.63
CA GLN F 132 -31.12 5.69 -7.45
C GLN F 132 -31.07 4.44 -8.33
N ALA F 133 -31.49 3.30 -7.78
CA ALA F 133 -31.50 2.01 -8.49
C ALA F 133 -32.86 1.68 -9.10
N GLN F 134 -33.67 2.71 -9.35
CA GLN F 134 -35.00 2.55 -9.93
C GLN F 134 -35.05 3.12 -11.35
N GLY F 135 -34.03 3.91 -11.69
CA GLY F 135 -33.96 4.50 -13.03
C GLY F 135 -33.31 3.53 -13.99
N ILE F 136 -33.01 2.33 -13.50
CA ILE F 136 -32.39 1.28 -14.30
C ILE F 136 -33.45 0.24 -14.72
N GLN F 137 -34.69 0.70 -14.84
CA GLN F 137 -35.81 -0.16 -15.26
C GLN F 137 -36.61 0.52 -16.36
N VAL F 138 -36.21 1.74 -16.71
CA VAL F 138 -36.86 2.52 -17.76
C VAL F 138 -35.80 3.19 -18.67
N ALA F 139 -34.53 2.92 -18.37
CA ALA F 139 -33.39 3.45 -19.14
C ALA F 139 -32.52 2.31 -19.66
N LYS F 140 -32.46 1.21 -18.90
CA LYS F 140 -31.70 0.03 -19.29
C LYS F 140 -32.67 -1.12 -19.60
N GLU F 141 -33.94 -0.91 -19.30
CA GLU F 141 -35.01 -1.88 -19.55
C GLU F 141 -36.02 -1.23 -20.52
N LYS F 142 -35.59 -0.13 -21.14
CA LYS F 142 -36.40 0.63 -22.10
C LYS F 142 -35.47 1.45 -23.01
N GLY F 143 -34.34 0.84 -23.38
CA GLY F 143 -33.36 1.49 -24.25
C GLY F 143 -31.94 0.97 -24.03
N VAL F 144 -31.01 1.89 -23.78
CA VAL F 144 -29.61 1.56 -23.53
C VAL F 144 -29.08 2.47 -22.40
N TYR F 145 -28.57 1.84 -21.34
CA TYR F 145 -28.05 2.56 -20.17
C TYR F 145 -26.76 3.37 -20.42
N LYS F 146 -26.69 4.54 -19.81
CA LYS F 146 -25.52 5.42 -19.94
C LYS F 146 -24.41 5.00 -18.98
N GLY F 147 -23.24 5.60 -19.11
CA GLY F 147 -22.12 5.27 -18.21
C GLY F 147 -21.51 3.90 -18.35
N ARG F 148 -20.53 3.59 -17.49
CA ARG F 148 -19.84 2.31 -17.53
C ARG F 148 -20.77 1.14 -17.28
N PRO F 149 -20.51 0.02 -17.94
CA PRO F 149 -21.33 -1.18 -17.77
C PRO F 149 -20.96 -1.90 -16.51
N LEU F 150 -21.93 -2.61 -15.96
CA LEU F 150 -21.67 -3.36 -14.77
C LEU F 150 -20.55 -4.29 -15.10
N LEU F 151 -19.59 -4.36 -14.21
CA LEU F 151 -18.48 -5.24 -14.41
C LEU F 151 -18.86 -6.61 -13.92
N TYR F 152 -19.55 -6.66 -12.78
CA TYR F 152 -19.94 -7.94 -12.20
C TYR F 152 -21.43 -8.09 -12.19
N SER F 153 -21.93 -9.01 -12.99
CA SER F 153 -23.35 -9.26 -13.11
C SER F 153 -23.53 -10.22 -14.24
N PRO F 154 -24.65 -10.92 -14.30
CA PRO F 154 -24.74 -11.84 -15.44
C PRO F 154 -24.68 -10.94 -16.67
N ASN F 155 -24.54 -11.53 -17.86
CA ASN F 155 -24.45 -10.74 -19.10
C ASN F 155 -23.07 -10.10 -19.29
N ALA F 156 -22.51 -9.58 -18.20
CA ALA F 156 -21.20 -8.93 -18.24
C ALA F 156 -20.26 -9.55 -19.27
N LYS F 157 -19.57 -8.68 -20.01
CA LYS F 157 -18.61 -9.07 -21.03
C LYS F 157 -17.79 -10.32 -20.65
N ASP F 158 -16.80 -10.15 -19.77
CA ASP F 158 -15.93 -11.24 -19.31
C ASP F 158 -16.70 -12.33 -18.53
N PRO F 159 -16.79 -13.54 -19.12
CA PRO F 159 -17.48 -14.67 -18.51
C PRO F 159 -17.09 -14.97 -17.09
N GLN F 160 -15.81 -14.82 -16.77
CA GLN F 160 -15.34 -15.11 -15.42
C GLN F 160 -16.02 -14.19 -14.44
N LYS F 161 -16.09 -12.91 -14.82
CA LYS F 161 -16.73 -11.91 -13.98
C LYS F 161 -18.13 -12.39 -13.66
N ARG F 162 -18.74 -13.02 -14.64
CA ARG F 162 -20.07 -13.53 -14.46
C ARG F 162 -20.00 -14.54 -13.34
N VAL F 163 -19.09 -15.47 -13.46
CA VAL F 163 -18.95 -16.49 -12.44
C VAL F 163 -18.79 -15.89 -11.07
N ILE F 164 -17.95 -14.88 -10.98
CA ILE F 164 -17.74 -14.26 -9.70
C ILE F 164 -19.03 -13.69 -9.19
N TYR F 165 -19.69 -12.89 -10.02
CA TYR F 165 -20.96 -12.29 -9.62
C TYR F 165 -21.82 -13.29 -8.89
N HIS F 166 -22.11 -14.39 -9.58
CA HIS F 166 -22.94 -15.42 -9.00
C HIS F 166 -22.47 -15.89 -7.64
N ARG F 167 -21.20 -16.22 -7.54
CA ARG F 167 -20.70 -16.67 -6.27
C ARG F 167 -20.94 -15.63 -5.19
N VAL F 168 -20.84 -14.35 -5.54
CA VAL F 168 -21.08 -13.32 -4.54
C VAL F 168 -22.48 -13.53 -4.01
N VAL F 169 -23.43 -13.57 -4.93
CA VAL F 169 -24.84 -13.78 -4.58
C VAL F 169 -24.98 -15.00 -3.70
N GLU F 170 -24.62 -16.15 -4.24
CA GLU F 170 -24.69 -17.40 -3.50
C GLU F 170 -24.21 -17.19 -2.08
N MET F 171 -23.10 -16.50 -1.92
CA MET F 171 -22.55 -16.26 -0.60
C MET F 171 -23.40 -15.31 0.19
N LEU F 172 -24.28 -14.58 -0.48
CA LEU F 172 -25.16 -13.65 0.22
C LEU F 172 -26.32 -14.42 0.80
N GLU F 173 -26.92 -15.28 -0.03
CA GLU F 173 -28.05 -16.12 0.39
C GLU F 173 -27.59 -17.04 1.51
N GLU F 174 -26.38 -17.57 1.34
CA GLU F 174 -25.75 -18.45 2.32
C GLU F 174 -25.56 -17.65 3.62
N GLY F 175 -25.88 -16.36 3.55
CA GLY F 175 -25.77 -15.47 4.69
C GLY F 175 -24.38 -15.10 5.19
N GLN F 176 -23.38 -15.18 4.32
CA GLN F 176 -22.00 -14.84 4.70
C GLN F 176 -21.85 -13.37 5.04
N ALA F 177 -20.74 -13.01 5.65
CA ALA F 177 -20.54 -11.62 6.00
C ALA F 177 -19.96 -10.87 4.83
N ILE F 178 -20.26 -9.59 4.77
CA ILE F 178 -19.75 -8.78 3.69
C ILE F 178 -18.25 -8.94 3.55
N SER F 179 -17.54 -8.42 4.54
CA SER F 179 -16.08 -8.45 4.58
C SER F 179 -15.49 -9.73 4.05
N LYS F 180 -16.04 -10.86 4.46
CA LYS F 180 -15.53 -12.13 4.01
C LYS F 180 -15.75 -12.24 2.51
N ILE F 181 -16.94 -11.90 2.04
CA ILE F 181 -17.25 -11.96 0.60
C ILE F 181 -16.20 -11.17 -0.15
N ALA F 182 -16.07 -9.91 0.21
CA ALA F 182 -15.12 -9.03 -0.42
C ALA F 182 -13.76 -9.70 -0.61
N LYS F 183 -13.12 -10.06 0.50
CA LYS F 183 -11.82 -10.70 0.46
C LYS F 183 -11.82 -11.97 -0.37
N GLU F 184 -12.87 -12.76 -0.25
CA GLU F 184 -12.91 -14.01 -0.98
C GLU F 184 -12.99 -13.83 -2.48
N VAL F 185 -13.51 -12.69 -2.92
CA VAL F 185 -13.66 -12.45 -4.34
C VAL F 185 -12.83 -11.28 -4.83
N ASN F 186 -12.01 -10.76 -3.94
CA ASN F 186 -11.13 -9.66 -4.29
C ASN F 186 -11.93 -8.51 -4.87
N ILE F 187 -12.97 -8.11 -4.16
CA ILE F 187 -13.82 -7.02 -4.59
C ILE F 187 -13.95 -6.04 -3.45
N THR F 188 -14.49 -4.86 -3.74
CA THR F 188 -14.71 -3.87 -2.71
C THR F 188 -16.02 -4.14 -1.98
N ARG F 189 -16.12 -3.70 -0.73
CA ARG F 189 -17.33 -3.93 -0.01
C ARG F 189 -18.45 -3.23 -0.77
N GLN F 190 -18.28 -1.93 -0.99
CA GLN F 190 -19.28 -1.14 -1.72
C GLN F 190 -19.77 -1.88 -2.94
N THR F 191 -18.86 -2.58 -3.59
CA THR F 191 -19.25 -3.31 -4.77
C THR F 191 -20.17 -4.44 -4.39
N VAL F 192 -19.82 -5.15 -3.34
CA VAL F 192 -20.65 -6.25 -2.89
C VAL F 192 -22.01 -5.68 -2.57
N TYR F 193 -22.02 -4.56 -1.84
CA TYR F 193 -23.29 -3.91 -1.50
C TYR F 193 -24.06 -3.82 -2.79
N ARG F 194 -23.49 -3.07 -3.73
CA ARG F 194 -24.13 -2.86 -5.00
C ARG F 194 -24.78 -4.14 -5.49
N ILE F 195 -24.08 -5.24 -5.42
CA ILE F 195 -24.65 -6.48 -5.89
C ILE F 195 -25.82 -6.90 -5.03
N LYS F 196 -25.79 -6.52 -3.75
CA LYS F 196 -26.86 -6.85 -2.83
C LYS F 196 -28.14 -6.08 -3.18
N HIS F 197 -28.13 -4.75 -3.07
CA HIS F 197 -29.31 -3.94 -3.39
C HIS F 197 -29.86 -4.25 -4.78
N ASP F 198 -28.95 -4.47 -5.73
CA ASP F 198 -29.35 -4.79 -7.11
C ASP F 198 -30.09 -6.14 -7.17
N ASN F 199 -29.80 -7.07 -6.25
CA ASN F 199 -30.48 -8.35 -6.29
C ASN F 199 -31.87 -8.27 -5.63
N GLY F 200 -32.89 -8.29 -6.49
CA GLY F 200 -34.28 -8.21 -6.06
C GLY F 200 -35.15 -7.63 -7.17
N MET G 1 62.44 19.49 -21.90
CA MET G 1 62.58 20.11 -20.55
C MET G 1 61.87 19.26 -19.50
N ILE G 2 62.63 18.79 -18.52
CA ILE G 2 62.05 17.94 -17.49
C ILE G 2 61.17 18.69 -16.51
N ILE G 3 59.94 18.22 -16.33
CA ILE G 3 59.00 18.87 -15.43
C ILE G 3 58.42 17.94 -14.38
N GLY G 4 58.41 18.39 -13.14
CA GLY G 4 57.86 17.57 -12.08
C GLY G 4 56.53 18.11 -11.61
N TYR G 5 55.85 17.35 -10.78
CA TYR G 5 54.58 17.76 -10.23
C TYR G 5 54.43 17.03 -8.94
N ALA G 6 54.21 17.78 -7.88
CA ALA G 6 54.05 17.14 -6.60
C ALA G 6 52.73 17.55 -6.00
N ARG G 7 52.28 16.76 -5.04
CA ARG G 7 51.04 17.01 -4.35
C ARG G 7 51.06 16.10 -3.12
N VAL G 8 51.08 16.71 -1.95
CA VAL G 8 51.12 15.96 -0.70
C VAL G 8 49.87 15.14 -0.44
N SER G 9 50.07 13.84 -0.27
CA SER G 9 49.00 12.92 0.03
C SER G 9 48.66 13.19 1.50
N SER G 10 47.38 13.17 1.85
CA SER G 10 46.98 13.44 3.25
C SER G 10 47.63 12.45 4.24
N LEU G 11 47.97 11.26 3.75
CA LEU G 11 48.61 10.24 4.57
C LEU G 11 50.14 10.44 4.57
N ASP G 12 50.64 11.08 3.50
CA ASP G 12 52.06 11.38 3.33
C ASP G 12 52.34 12.90 3.24
N GLN G 13 52.19 13.60 4.37
CA GLN G 13 52.44 15.04 4.40
C GLN G 13 53.91 15.29 4.73
N ASN G 14 54.69 15.64 3.71
CA ASN G 14 56.12 15.89 3.88
C ASN G 14 56.62 16.90 2.86
N LEU G 15 55.98 16.91 1.70
CA LEU G 15 56.34 17.83 0.62
C LEU G 15 57.82 17.78 0.31
N GLU G 16 58.59 18.62 1.01
CA GLU G 16 60.02 18.69 0.78
C GLU G 16 60.68 17.43 0.27
N ARG G 17 60.50 16.31 0.98
CA ARG G 17 61.12 15.09 0.49
C ARG G 17 60.67 14.83 -0.93
N GLN G 18 59.35 14.81 -1.12
CA GLN G 18 58.76 14.60 -2.43
C GLN G 18 59.50 15.48 -3.44
N LEU G 19 59.60 16.76 -3.15
CA LEU G 19 60.29 17.68 -4.03
C LEU G 19 61.67 17.14 -4.39
N GLU G 20 62.53 17.04 -3.37
CA GLU G 20 63.89 16.53 -3.56
C GLU G 20 63.84 15.31 -4.46
N ASN G 21 63.00 14.35 -4.09
CA ASN G 21 62.82 13.14 -4.88
C ASN G 21 62.76 13.56 -6.36
N LEU G 22 61.77 14.37 -6.69
CA LEU G 22 61.57 14.80 -8.06
C LEU G 22 62.87 15.24 -8.70
N LYS G 23 63.52 16.23 -8.11
CA LYS G 23 64.78 16.74 -8.65
C LYS G 23 65.79 15.62 -8.84
N THR G 24 65.75 14.66 -7.93
CA THR G 24 66.66 13.53 -7.99
C THR G 24 66.52 12.80 -9.32
N PHE G 25 65.43 13.06 -10.04
CA PHE G 25 65.21 12.41 -11.32
C PHE G 25 65.33 13.36 -12.48
N GLY G 26 65.65 14.62 -12.16
CA GLY G 26 65.84 15.61 -13.21
C GLY G 26 64.90 16.80 -13.24
N ALA G 27 63.83 16.76 -12.46
CA ALA G 27 62.86 17.85 -12.44
C ALA G 27 63.55 19.19 -12.48
N GLU G 28 63.38 19.94 -13.58
CA GLU G 28 63.98 21.26 -13.69
C GLU G 28 63.01 22.28 -13.10
N LYS G 29 61.77 22.25 -13.59
CA LYS G 29 60.72 23.12 -13.09
C LYS G 29 59.72 22.23 -12.37
N ILE G 30 59.18 22.70 -11.26
CA ILE G 30 58.25 21.89 -10.48
C ILE G 30 56.98 22.58 -10.04
N PHE G 31 55.84 22.04 -10.44
CA PHE G 31 54.59 22.62 -10.04
C PHE G 31 54.21 21.92 -8.74
N THR G 32 53.50 22.64 -7.88
CA THR G 32 53.06 22.06 -6.61
C THR G 32 51.58 22.39 -6.42
N GLU G 33 50.83 21.38 -6.04
CA GLU G 33 49.39 21.54 -5.80
C GLU G 33 49.24 21.91 -4.34
N LYS G 34 48.45 22.94 -4.06
CA LYS G 34 48.24 23.42 -2.70
C LYS G 34 47.05 22.75 -1.99
N ASN G 42 40.13 19.32 -6.68
CA ASN G 42 39.97 19.79 -8.06
C ASN G 42 41.28 19.72 -8.84
N ARG G 43 42.40 19.90 -8.13
CA ARG G 43 43.75 19.84 -8.70
C ARG G 43 43.95 20.69 -9.96
N PRO G 44 43.94 22.02 -9.80
CA PRO G 44 44.11 22.99 -10.90
C PRO G 44 45.57 23.13 -11.32
N ILE G 45 46.47 23.15 -10.34
CA ILE G 45 47.88 23.27 -10.66
C ILE G 45 48.21 22.21 -11.69
N LEU G 46 47.86 20.98 -11.37
CA LEU G 46 48.11 19.86 -12.26
C LEU G 46 47.77 20.24 -13.69
N GLN G 47 46.52 20.60 -13.93
CA GLN G 47 46.11 20.98 -15.27
C GLN G 47 47.08 22.03 -15.81
N LYS G 48 47.42 22.99 -14.96
CA LYS G 48 48.32 24.03 -15.41
C LYS G 48 49.61 23.41 -15.93
N ALA G 49 50.20 22.54 -15.12
CA ALA G 49 51.45 21.89 -15.49
C ALA G 49 51.28 21.15 -16.81
N LEU G 50 50.23 20.38 -16.91
CA LEU G 50 49.99 19.63 -18.13
C LEU G 50 49.95 20.53 -19.34
N ASN G 51 49.42 21.74 -19.19
CA ASN G 51 49.33 22.65 -20.32
C ASN G 51 50.69 23.20 -20.68
N PHE G 52 51.57 23.25 -19.69
CA PHE G 52 52.89 23.78 -19.86
C PHE G 52 53.78 22.90 -20.73
N VAL G 53 53.74 21.61 -20.44
CA VAL G 53 54.56 20.65 -21.15
C VAL G 53 54.19 20.58 -22.60
N ARG G 54 55.05 19.94 -23.36
CA ARG G 54 54.82 19.87 -24.78
C ARG G 54 55.70 18.80 -25.35
N MET G 55 55.56 18.57 -26.64
CA MET G 55 56.35 17.56 -27.32
C MET G 55 57.86 17.69 -27.03
N GLY G 56 58.44 16.65 -26.48
CA GLY G 56 59.87 16.72 -26.19
C GLY G 56 60.21 16.72 -24.71
N ASP G 57 59.32 17.31 -23.91
CA ASP G 57 59.53 17.36 -22.45
C ASP G 57 59.22 16.03 -21.78
N ARG G 58 59.61 15.94 -20.52
CA ARG G 58 59.36 14.76 -19.71
C ARG G 58 58.61 15.20 -18.45
N PHE G 59 57.47 14.58 -18.20
CA PHE G 59 56.66 14.91 -17.06
C PHE G 59 56.92 13.91 -15.93
N ILE G 60 57.48 14.36 -14.82
CA ILE G 60 57.78 13.43 -13.75
C ILE G 60 56.87 13.53 -12.55
N VAL G 61 56.51 12.39 -11.99
CA VAL G 61 55.67 12.36 -10.80
C VAL G 61 56.07 11.16 -9.98
N GLU G 62 55.74 11.20 -8.70
CA GLU G 62 56.11 10.14 -7.81
C GLU G 62 55.27 8.88 -7.99
N SER G 63 53.97 9.02 -8.11
CA SER G 63 53.11 7.86 -8.25
C SER G 63 51.85 8.07 -9.07
N ILE G 64 51.44 7.03 -9.81
CA ILE G 64 50.24 7.10 -10.64
C ILE G 64 49.17 8.03 -10.10
N ASP G 65 48.70 7.76 -8.89
CA ASP G 65 47.66 8.56 -8.30
C ASP G 65 47.84 10.09 -8.31
N ARG G 66 49.06 10.56 -8.55
CA ARG G 66 49.25 12.01 -8.57
C ARG G 66 48.71 12.54 -9.89
N LEU G 67 48.30 11.64 -10.78
CA LEU G 67 47.81 12.07 -12.07
C LEU G 67 46.31 12.25 -12.10
N GLY G 68 45.65 11.96 -10.98
CA GLY G 68 44.21 12.11 -10.94
C GLY G 68 43.58 11.71 -9.63
N ARG G 69 42.44 12.31 -9.32
CA ARG G 69 41.74 12.00 -8.07
C ARG G 69 41.03 10.64 -8.13
N ASN G 70 40.86 10.09 -9.34
CA ASN G 70 40.26 8.78 -9.53
C ASN G 70 40.89 8.20 -10.78
N TYR G 71 40.82 6.88 -10.93
CA TYR G 71 41.43 6.27 -12.09
C TYR G 71 41.01 6.94 -13.38
N ASN G 72 39.72 6.97 -13.65
CA ASN G 72 39.22 7.60 -14.87
C ASN G 72 40.04 8.83 -15.24
N GLU G 73 40.25 9.71 -14.27
CA GLU G 73 40.98 10.93 -14.54
C GLU G 73 42.40 10.59 -14.99
N VAL G 74 43.03 9.65 -14.29
CA VAL G 74 44.39 9.24 -14.65
C VAL G 74 44.41 8.93 -16.11
N ILE G 75 43.45 8.13 -16.54
CA ILE G 75 43.36 7.79 -17.94
C ILE G 75 43.44 9.09 -18.74
N HIS G 76 42.54 10.00 -18.45
CA HIS G 76 42.53 11.26 -19.17
C HIS G 76 43.94 11.84 -19.19
N THR G 77 44.52 12.01 -18.01
CA THR G 77 45.87 12.57 -17.88
C THR G 77 46.83 11.87 -18.82
N VAL G 78 47.02 10.58 -18.59
CA VAL G 78 47.92 9.81 -19.40
C VAL G 78 47.62 10.02 -20.87
N ASN G 79 46.34 9.88 -21.25
CA ASN G 79 45.95 10.05 -22.64
C ASN G 79 46.53 11.36 -23.14
N TYR G 80 46.21 12.40 -22.39
CA TYR G 80 46.67 13.72 -22.75
C TYR G 80 48.12 13.68 -23.13
N LEU G 81 48.97 13.31 -22.15
CA LEU G 81 50.41 13.24 -22.36
C LEU G 81 50.75 12.45 -23.59
N LYS G 82 50.06 11.32 -23.77
CA LYS G 82 50.31 10.46 -24.91
C LYS G 82 50.18 11.20 -26.23
N ASP G 83 49.14 12.03 -26.34
CA ASP G 83 48.90 12.77 -27.57
C ASP G 83 49.84 13.94 -27.77
N LYS G 84 50.10 14.68 -26.70
CA LYS G 84 51.00 15.80 -26.81
C LYS G 84 52.42 15.25 -26.94
N GLU G 85 52.52 13.93 -26.90
CA GLU G 85 53.80 13.24 -27.05
C GLU G 85 54.84 13.67 -26.01
N VAL G 86 54.42 13.64 -24.75
CA VAL G 86 55.29 13.98 -23.63
C VAL G 86 55.71 12.73 -22.88
N GLN G 87 57.00 12.56 -22.64
CA GLN G 87 57.45 11.38 -21.89
C GLN G 87 56.86 11.37 -20.50
N LEU G 88 56.37 10.21 -20.08
CA LEU G 88 55.82 10.10 -18.75
C LEU G 88 56.80 9.30 -17.94
N MET G 89 57.16 9.79 -16.78
CA MET G 89 58.07 9.07 -15.93
C MET G 89 57.48 9.00 -14.54
N ILE G 90 57.49 7.81 -13.92
CA ILE G 90 56.96 7.64 -12.58
C ILE G 90 58.02 7.12 -11.64
N THR G 91 58.36 7.97 -10.67
CA THR G 91 59.35 7.69 -9.63
C THR G 91 59.31 6.36 -8.87
N SER G 92 58.19 6.14 -8.18
CA SER G 92 58.02 4.95 -7.34
C SER G 92 58.29 3.63 -8.03
N LEU G 93 58.22 3.60 -9.37
CA LEU G 93 58.47 2.36 -10.09
C LEU G 93 59.91 1.90 -10.10
N PRO G 94 60.14 0.69 -9.61
CA PRO G 94 61.49 0.15 -9.58
C PRO G 94 62.04 0.14 -10.98
N MET G 95 63.27 0.58 -11.16
CA MET G 95 63.88 0.57 -12.48
C MET G 95 63.25 1.51 -13.50
N MET G 96 62.55 2.53 -13.03
CA MET G 96 61.93 3.45 -13.98
C MET G 96 63.10 4.04 -14.73
N ASN G 97 64.25 3.94 -14.09
CA ASN G 97 65.43 4.51 -14.65
C ASN G 97 66.18 3.84 -15.77
N GLU G 98 66.38 2.53 -15.65
CA GLU G 98 67.14 1.83 -16.67
C GLU G 98 66.26 1.61 -17.87
N VAL G 99 64.98 1.41 -17.59
CA VAL G 99 64.02 1.15 -18.62
C VAL G 99 63.67 2.33 -19.47
N ILE G 100 63.53 3.48 -18.83
CA ILE G 100 63.13 4.66 -19.56
C ILE G 100 63.88 4.88 -20.90
N GLY G 101 65.11 4.40 -20.96
CA GLY G 101 65.90 4.57 -22.18
C GLY G 101 65.49 3.65 -23.32
N ASN G 102 64.49 2.80 -23.09
CA ASN G 102 64.04 1.87 -24.12
C ASN G 102 63.04 2.46 -25.13
N PRO G 103 63.41 2.43 -26.39
CA PRO G 103 62.63 2.94 -27.52
C PRO G 103 61.16 2.60 -27.44
N LEU G 104 60.81 1.53 -26.78
CA LEU G 104 59.40 1.15 -26.69
C LEU G 104 58.71 1.59 -25.42
N LEU G 105 59.36 1.34 -24.31
CA LEU G 105 58.79 1.64 -23.03
C LEU G 105 57.83 2.79 -22.95
N ASP G 106 58.12 3.90 -23.61
CA ASP G 106 57.21 5.02 -23.44
C ASP G 106 55.86 4.63 -23.99
N LYS G 107 55.71 4.68 -25.31
CA LYS G 107 54.45 4.29 -25.94
C LYS G 107 53.79 3.20 -25.10
N PHE G 108 54.59 2.19 -24.83
CA PHE G 108 54.18 1.03 -24.04
C PHE G 108 53.47 1.37 -22.72
N MET G 109 54.26 1.80 -21.75
CA MET G 109 53.74 2.17 -20.45
C MET G 109 52.46 2.95 -20.61
N LYS G 110 52.49 4.00 -21.40
CA LYS G 110 51.29 4.80 -21.60
C LYS G 110 50.08 3.97 -21.98
N ASP G 111 50.20 3.16 -23.02
CA ASP G 111 49.08 2.33 -23.46
C ASP G 111 48.62 1.36 -22.37
N LEU G 112 49.53 0.55 -21.87
CA LEU G 112 49.20 -0.43 -20.84
C LEU G 112 48.36 0.15 -19.72
N ILE G 113 48.81 1.29 -19.20
CA ILE G 113 48.11 1.97 -18.12
C ILE G 113 46.67 2.15 -18.56
N ILE G 114 46.49 2.88 -19.64
CA ILE G 114 45.19 3.12 -20.19
C ILE G 114 44.36 1.84 -20.24
N GLN G 115 44.90 0.83 -20.92
CA GLN G 115 44.22 -0.46 -21.05
C GLN G 115 43.72 -0.89 -19.71
N ILE G 116 44.62 -1.46 -18.92
CA ILE G 116 44.30 -1.92 -17.59
C ILE G 116 43.15 -1.12 -17.02
N LEU G 117 43.36 0.19 -16.85
CA LEU G 117 42.34 1.06 -16.28
C LEU G 117 41.00 0.93 -16.96
N ALA G 118 40.97 1.00 -18.28
CA ALA G 118 39.70 0.86 -18.99
C ALA G 118 39.10 -0.54 -18.71
N MET G 119 39.97 -1.55 -18.70
CA MET G 119 39.52 -2.90 -18.45
C MET G 119 38.95 -2.95 -17.02
N VAL G 120 39.11 -1.86 -16.27
CA VAL G 120 38.60 -1.79 -14.91
C VAL G 120 37.27 -1.11 -14.84
N SER G 121 37.12 -0.02 -15.57
CA SER G 121 35.86 0.69 -15.56
C SER G 121 34.78 -0.22 -16.11
N GLU G 122 35.01 -0.81 -17.27
CA GLU G 122 33.99 -1.67 -17.83
C GLU G 122 33.82 -2.95 -17.03
N GLN G 123 34.39 -2.98 -15.82
CA GLN G 123 34.23 -4.12 -14.93
C GLN G 123 33.22 -3.62 -13.93
N GLU G 124 33.28 -2.32 -13.65
CA GLU G 124 32.34 -1.71 -12.72
C GLU G 124 31.02 -1.38 -13.40
N ARG G 125 31.07 -0.83 -14.60
CA ARG G 125 29.82 -0.49 -15.27
C ARG G 125 28.93 -1.71 -15.38
N ASN G 126 29.47 -2.89 -15.06
CA ASN G 126 28.68 -4.11 -15.10
C ASN G 126 28.60 -4.74 -13.72
N GLU G 127 29.10 -4.06 -12.70
CA GLU G 127 29.05 -4.61 -11.35
C GLU G 127 27.58 -4.91 -11.05
N SER G 128 26.71 -4.13 -11.70
CA SER G 128 25.28 -4.29 -11.53
C SER G 128 24.92 -5.72 -11.89
N LYS G 129 24.59 -5.92 -13.16
CA LYS G 129 24.21 -7.23 -13.66
C LYS G 129 25.04 -8.37 -13.13
N ARG G 130 26.36 -8.21 -13.15
CA ARG G 130 27.31 -9.21 -12.69
C ARG G 130 26.88 -9.86 -11.40
N ARG G 131 26.61 -9.04 -10.39
CA ARG G 131 26.19 -9.61 -9.12
C ARG G 131 24.83 -10.24 -9.27
N GLN G 132 24.02 -9.68 -10.17
CA GLN G 132 22.71 -10.24 -10.42
C GLN G 132 22.89 -11.63 -10.99
N ALA G 133 23.48 -11.69 -12.19
CA ALA G 133 23.71 -12.97 -12.85
C ALA G 133 24.39 -13.93 -11.90
N GLN G 134 25.25 -13.36 -11.07
CA GLN G 134 25.99 -14.14 -10.10
C GLN G 134 25.02 -14.81 -9.13
N GLY G 135 24.09 -14.00 -8.61
CA GLY G 135 23.10 -14.51 -7.67
C GLY G 135 22.12 -15.48 -8.28
N ILE G 136 21.63 -15.13 -9.45
CA ILE G 136 20.70 -15.99 -10.14
C ILE G 136 21.31 -17.37 -10.18
N GLN G 137 22.42 -17.47 -10.89
CA GLN G 137 23.11 -18.73 -11.06
C GLN G 137 23.16 -19.52 -9.75
N VAL G 138 23.64 -18.91 -8.69
CA VAL G 138 23.71 -19.62 -7.40
C VAL G 138 22.39 -20.30 -7.08
N ALA G 139 21.33 -19.50 -7.21
CA ALA G 139 19.97 -19.93 -6.96
C ALA G 139 19.56 -21.03 -7.92
N LYS G 140 19.67 -20.73 -9.21
CA LYS G 140 19.34 -21.68 -10.27
C LYS G 140 19.96 -23.05 -9.96
N GLU G 141 21.03 -23.04 -9.18
CA GLU G 141 21.74 -24.25 -8.80
C GLU G 141 21.04 -24.93 -7.64
N LYS G 142 20.50 -24.11 -6.75
CA LYS G 142 19.79 -24.59 -5.57
C LYS G 142 18.42 -25.14 -5.96
N GLY G 143 18.04 -24.92 -7.23
CA GLY G 143 16.76 -25.40 -7.73
C GLY G 143 15.61 -24.55 -7.19
N VAL G 144 15.69 -23.25 -7.44
CA VAL G 144 14.70 -22.33 -6.96
C VAL G 144 13.75 -21.98 -8.06
N TYR G 145 14.27 -21.49 -9.17
CA TYR G 145 13.44 -21.14 -10.31
C TYR G 145 12.61 -22.37 -10.68
N LYS G 146 11.28 -22.25 -10.56
CA LYS G 146 10.40 -23.39 -10.86
C LYS G 146 9.27 -23.09 -11.84
N GLY G 147 9.56 -22.25 -12.83
CA GLY G 147 8.55 -21.93 -13.81
C GLY G 147 7.36 -21.23 -13.22
N ARG G 148 6.22 -21.38 -13.90
CA ARG G 148 4.96 -20.77 -13.49
C ARG G 148 4.20 -21.70 -12.58
N PRO G 149 3.62 -21.17 -11.50
CA PRO G 149 2.87 -22.06 -10.59
C PRO G 149 1.45 -22.08 -11.17
N LEU G 150 0.61 -22.96 -10.64
CA LEU G 150 -0.75 -23.07 -11.13
C LEU G 150 -1.47 -21.74 -11.07
N LEU G 151 -2.19 -21.42 -12.12
CA LEU G 151 -2.94 -20.20 -12.20
C LEU G 151 -4.36 -20.46 -11.66
N TYR G 152 -4.86 -21.69 -11.82
CA TYR G 152 -6.17 -22.02 -11.33
C TYR G 152 -6.08 -23.20 -10.39
N SER G 153 -6.29 -22.94 -9.11
CA SER G 153 -6.23 -23.98 -8.08
C SER G 153 -6.34 -23.26 -6.77
N PRO G 154 -6.70 -23.98 -5.71
CA PRO G 154 -6.77 -23.21 -4.45
C PRO G 154 -5.36 -22.67 -4.22
N ASN G 155 -5.19 -21.78 -3.25
CA ASN G 155 -3.86 -21.20 -2.97
C ASN G 155 -3.45 -20.15 -4.01
N ALA G 156 -3.74 -20.42 -5.27
CA ALA G 156 -3.39 -19.50 -6.34
C ALA G 156 -3.43 -18.03 -5.92
N LYS G 157 -2.43 -17.28 -6.36
CA LYS G 157 -2.31 -15.86 -6.06
C LYS G 157 -3.66 -15.14 -6.09
N ASP G 158 -4.17 -14.86 -7.29
CA ASP G 158 -5.45 -14.16 -7.49
C ASP G 158 -6.64 -14.94 -6.93
N PRO G 159 -7.28 -14.41 -5.88
CA PRO G 159 -8.44 -15.04 -5.24
C PRO G 159 -9.54 -15.42 -6.19
N GLN G 160 -9.77 -14.60 -7.21
CA GLN G 160 -10.83 -14.89 -8.15
C GLN G 160 -10.58 -16.17 -8.87
N LYS G 161 -9.37 -16.36 -9.37
CA LYS G 161 -9.12 -17.60 -10.06
C LYS G 161 -9.42 -18.74 -9.11
N ARG G 162 -9.11 -18.55 -7.83
CA ARG G 162 -9.41 -19.59 -6.86
C ARG G 162 -10.88 -19.94 -7.03
N VAL G 163 -11.72 -18.91 -7.00
CA VAL G 163 -13.14 -19.12 -7.15
C VAL G 163 -13.42 -19.90 -8.42
N ILE G 164 -12.83 -19.47 -9.52
CA ILE G 164 -13.07 -20.17 -10.74
C ILE G 164 -12.69 -21.63 -10.60
N TYR G 165 -11.46 -21.88 -10.16
CA TYR G 165 -11.01 -23.26 -10.00
C TYR G 165 -12.11 -24.10 -9.40
N HIS G 166 -12.56 -23.69 -8.23
CA HIS G 166 -13.59 -24.44 -7.54
C HIS G 166 -14.79 -24.71 -8.39
N ARG G 167 -15.32 -23.67 -9.02
CA ARG G 167 -16.49 -23.85 -9.85
C ARG G 167 -16.22 -24.90 -10.92
N VAL G 168 -15.02 -24.90 -11.47
CA VAL G 168 -14.70 -25.89 -12.48
C VAL G 168 -14.96 -27.25 -11.87
N VAL G 169 -14.33 -27.50 -10.74
CA VAL G 169 -14.48 -28.77 -10.03
C VAL G 169 -15.95 -29.10 -9.84
N GLU G 170 -16.64 -28.24 -9.12
CA GLU G 170 -18.07 -28.41 -8.85
C GLU G 170 -18.77 -28.87 -10.12
N MET G 171 -18.48 -28.19 -11.23
CA MET G 171 -19.09 -28.54 -12.50
C MET G 171 -18.62 -29.89 -13.00
N LEU G 172 -17.53 -30.40 -12.46
CA LEU G 172 -17.06 -31.69 -12.88
C LEU G 172 -17.83 -32.78 -12.15
N GLU G 173 -17.95 -32.61 -10.83
CA GLU G 173 -18.69 -33.56 -10.00
C GLU G 173 -20.14 -33.58 -10.48
N GLU G 174 -20.67 -32.40 -10.77
CA GLU G 174 -22.03 -32.21 -11.27
C GLU G 174 -22.13 -32.95 -12.61
N GLY G 175 -21.00 -33.50 -13.06
CA GLY G 175 -20.96 -34.25 -14.29
C GLY G 175 -21.17 -33.50 -15.59
N GLN G 176 -20.96 -32.20 -15.58
CA GLN G 176 -21.13 -31.41 -16.80
C GLN G 176 -20.19 -31.90 -17.91
N ALA G 177 -20.27 -31.25 -19.08
CA ALA G 177 -19.39 -31.62 -20.19
C ALA G 177 -18.20 -30.68 -20.23
N ILE G 178 -17.06 -31.21 -20.64
CA ILE G 178 -15.86 -30.39 -20.72
C ILE G 178 -16.16 -29.09 -21.44
N SER G 179 -16.41 -29.20 -22.74
CA SER G 179 -16.69 -28.06 -23.59
C SER G 179 -17.51 -26.97 -22.92
N LYS G 180 -18.57 -27.38 -22.22
CA LYS G 180 -19.43 -26.41 -21.56
C LYS G 180 -18.63 -25.71 -20.47
N ILE G 181 -17.92 -26.50 -19.66
CA ILE G 181 -17.10 -25.95 -18.57
C ILE G 181 -16.18 -24.88 -19.13
N ALA G 182 -15.37 -25.28 -20.10
CA ALA G 182 -14.45 -24.37 -20.75
C ALA G 182 -15.10 -23.04 -21.07
N LYS G 183 -16.11 -23.04 -21.93
CA LYS G 183 -16.79 -21.82 -22.32
C LYS G 183 -17.35 -21.06 -21.13
N GLU G 184 -17.92 -21.79 -20.17
CA GLU G 184 -18.51 -21.12 -19.03
C GLU G 184 -17.50 -20.40 -18.15
N VAL G 185 -16.26 -20.86 -18.18
CA VAL G 185 -15.24 -20.26 -17.35
C VAL G 185 -14.15 -19.61 -18.16
N ASN G 186 -14.35 -19.53 -19.47
CA ASN G 186 -13.38 -18.90 -20.35
C ASN G 186 -11.99 -19.48 -20.17
N ILE G 187 -11.92 -20.80 -20.21
CA ILE G 187 -10.68 -21.50 -20.02
C ILE G 187 -10.52 -22.48 -21.16
N THR G 188 -9.33 -23.05 -21.30
CA THR G 188 -9.06 -24.02 -22.36
C THR G 188 -9.49 -25.38 -21.88
N ARG G 189 -9.86 -26.23 -22.83
CA ARG G 189 -10.27 -27.56 -22.46
C ARG G 189 -9.09 -28.21 -21.72
N GLN G 190 -7.94 -28.20 -22.39
CA GLN G 190 -6.72 -28.79 -21.84
C GLN G 190 -6.64 -28.44 -20.38
N THR G 191 -6.79 -27.15 -20.10
CA THR G 191 -6.71 -26.64 -18.76
C THR G 191 -7.70 -27.30 -17.85
N VAL G 192 -8.94 -27.44 -18.32
CA VAL G 192 -9.95 -28.09 -17.51
C VAL G 192 -9.49 -29.51 -17.26
N TYR G 193 -9.01 -30.17 -18.31
CA TYR G 193 -8.54 -31.54 -18.15
C TYR G 193 -7.49 -31.58 -17.04
N ARG G 194 -6.56 -30.64 -17.10
CA ARG G 194 -5.52 -30.54 -16.09
C ARG G 194 -6.18 -30.52 -14.71
N ILE G 195 -7.20 -29.70 -14.55
CA ILE G 195 -7.86 -29.62 -13.27
C ILE G 195 -8.49 -30.94 -12.89
N LYS G 196 -8.93 -31.69 -13.90
CA LYS G 196 -9.57 -32.97 -13.67
C LYS G 196 -8.61 -34.02 -13.15
N HIS G 197 -7.76 -34.53 -14.06
CA HIS G 197 -6.80 -35.57 -13.70
C HIS G 197 -5.86 -35.11 -12.59
N ASP G 198 -6.11 -33.90 -12.08
CA ASP G 198 -5.31 -33.33 -11.03
C ASP G 198 -6.06 -33.56 -9.73
N ASN G 199 -7.39 -33.45 -9.81
CA ASN G 199 -8.27 -33.64 -8.66
C ASN G 199 -8.38 -35.13 -8.29
N GLY G 200 -7.74 -35.48 -7.16
CA GLY G 200 -7.71 -36.84 -6.67
C GLY G 200 -6.47 -37.03 -5.81
N MET H 1 57.41 -23.61 -20.66
CA MET H 1 56.16 -24.34 -21.07
C MET H 1 54.98 -23.41 -20.89
N ILE H 2 54.23 -23.21 -21.97
CA ILE H 2 53.07 -22.33 -21.89
C ILE H 2 51.88 -22.96 -21.19
N ILE H 3 51.37 -22.27 -20.17
CA ILE H 3 50.24 -22.76 -19.40
C ILE H 3 49.10 -21.79 -19.33
N GLY H 4 47.91 -22.30 -19.56
CA GLY H 4 46.73 -21.46 -19.51
C GLY H 4 45.90 -21.77 -18.28
N TYR H 5 44.93 -20.93 -18.01
CA TYR H 5 44.03 -21.10 -16.87
C TYR H 5 42.74 -20.44 -17.24
N ALA H 6 41.66 -21.20 -17.17
CA ALA H 6 40.39 -20.62 -17.52
C ALA H 6 39.45 -20.81 -16.37
N ARG H 7 38.39 -19.99 -16.37
CA ARG H 7 37.38 -20.03 -15.34
C ARG H 7 36.22 -19.21 -15.87
N VAL H 8 35.11 -19.89 -16.09
CA VAL H 8 33.92 -19.23 -16.62
C VAL H 8 33.31 -18.19 -15.70
N SER H 9 33.18 -16.98 -16.23
CA SER H 9 32.59 -15.88 -15.48
C SER H 9 31.08 -16.16 -15.51
N SER H 10 30.39 -15.90 -14.41
CA SER H 10 28.96 -16.16 -14.36
C SER H 10 28.20 -15.40 -15.44
N LEU H 11 28.77 -14.28 -15.87
CA LEU H 11 28.15 -13.47 -16.91
C LEU H 11 28.57 -13.99 -18.29
N ASP H 12 29.71 -14.66 -18.33
CA ASP H 12 30.26 -15.23 -19.58
C ASP H 12 30.42 -16.76 -19.48
N GLN H 13 29.31 -17.48 -19.50
CA GLN H 13 29.37 -18.93 -19.43
C GLN H 13 29.47 -19.49 -20.85
N ASN H 14 30.67 -19.91 -21.23
CA ASN H 14 30.90 -20.47 -22.56
C ASN H 14 32.03 -21.50 -22.52
N LEU H 15 32.97 -21.31 -21.62
CA LEU H 15 34.11 -22.22 -21.47
C LEU H 15 34.83 -22.47 -22.78
N GLU H 16 34.37 -23.48 -23.51
CA GLU H 16 34.98 -23.84 -24.77
C GLU H 16 35.64 -22.70 -25.51
N ARG H 17 34.91 -21.62 -25.80
CA ARG H 17 35.54 -20.52 -26.51
C ARG H 17 36.79 -20.08 -25.75
N GLN H 18 36.61 -19.79 -24.47
CA GLN H 18 37.70 -19.36 -23.62
C GLN H 18 38.87 -20.30 -23.84
N LEU H 19 38.63 -21.61 -23.74
CA LEU H 19 39.67 -22.61 -23.94
C LEU H 19 40.42 -22.33 -25.25
N GLU H 20 39.71 -22.48 -26.36
CA GLU H 20 40.31 -22.24 -27.67
C GLU H 20 41.13 -20.96 -27.65
N ASN H 21 40.57 -19.84 -27.18
CA ASN H 21 41.33 -18.60 -27.16
C ASN H 21 42.65 -18.79 -26.43
N LEU H 22 42.63 -19.55 -25.35
CA LEU H 22 43.90 -19.77 -24.65
C LEU H 22 44.89 -20.42 -25.61
N LYS H 23 44.52 -21.58 -26.15
CA LYS H 23 45.39 -22.30 -27.09
C LYS H 23 45.83 -21.38 -28.22
N THR H 24 44.93 -20.52 -28.66
CA THR H 24 45.23 -19.60 -29.73
C THR H 24 46.46 -18.77 -29.38
N PHE H 25 46.84 -18.79 -28.11
CA PHE H 25 48.01 -18.01 -27.72
C PHE H 25 49.15 -18.89 -27.31
N GLY H 26 48.96 -20.19 -27.40
CA GLY H 26 50.03 -21.11 -27.08
C GLY H 26 49.81 -22.07 -25.95
N ALA H 27 48.77 -21.85 -25.17
CA ALA H 27 48.50 -22.73 -24.05
C ALA H 27 48.72 -24.19 -24.40
N GLU H 28 49.71 -24.81 -23.77
CA GLU H 28 50.00 -26.22 -24.02
C GLU H 28 49.14 -27.05 -23.05
N LYS H 29 49.28 -26.74 -21.76
CA LYS H 29 48.51 -27.43 -20.74
C LYS H 29 47.54 -26.40 -20.19
N ILE H 30 46.31 -26.81 -19.89
CA ILE H 30 45.32 -25.87 -19.39
C ILE H 30 44.55 -26.32 -18.15
N PHE H 31 44.62 -25.53 -17.09
CA PHE H 31 43.89 -25.89 -15.90
C PHE H 31 42.54 -25.18 -15.96
N THR H 32 41.49 -25.82 -15.47
CA THR H 32 40.17 -25.24 -15.50
C THR H 32 39.57 -25.27 -14.10
N GLU H 33 38.98 -24.14 -13.70
CA GLU H 33 38.35 -24.00 -12.39
C GLU H 33 36.89 -24.41 -12.59
N LYS H 34 36.42 -25.26 -11.69
CA LYS H 34 35.05 -25.77 -11.75
C LYS H 34 34.06 -24.93 -10.95
N ASN H 42 36.61 -19.85 -3.93
CA ASN H 42 37.90 -20.21 -3.32
C ASN H 42 39.01 -20.36 -4.36
N ARG H 43 38.64 -20.81 -5.56
CA ARG H 43 39.57 -20.99 -6.68
C ARG H 43 40.84 -21.78 -6.33
N PRO H 44 40.69 -23.10 -6.10
CA PRO H 44 41.78 -24.01 -5.75
C PRO H 44 42.60 -24.42 -6.98
N ILE H 45 41.92 -24.68 -8.09
CA ILE H 45 42.61 -25.06 -9.30
C ILE H 45 43.68 -24.02 -9.55
N LEU H 46 43.26 -22.77 -9.58
CA LEU H 46 44.19 -21.67 -9.80
C LEU H 46 45.46 -21.85 -8.99
N GLN H 47 45.32 -21.94 -7.67
CA GLN H 47 46.47 -22.13 -6.79
C GLN H 47 47.29 -23.32 -7.31
N LYS H 48 46.61 -24.38 -7.75
CA LYS H 48 47.30 -25.57 -8.27
C LYS H 48 48.16 -25.22 -9.48
N ALA H 49 47.55 -24.56 -10.46
CA ALA H 49 48.25 -24.16 -11.66
C ALA H 49 49.45 -23.31 -11.31
N LEU H 50 49.26 -22.34 -10.44
CA LEU H 50 50.35 -21.48 -10.03
C LEU H 50 51.52 -22.25 -9.46
N ASN H 51 51.23 -23.33 -8.76
CA ASN H 51 52.30 -24.14 -8.18
C ASN H 51 53.03 -24.96 -9.22
N PHE H 52 52.32 -25.26 -10.31
CA PHE H 52 52.84 -26.04 -11.40
C PHE H 52 53.92 -25.30 -12.20
N VAL H 53 53.62 -24.06 -12.56
CA VAL H 53 54.54 -23.23 -13.32
C VAL H 53 55.85 -23.02 -12.58
N ARG H 54 56.89 -22.71 -13.35
CA ARG H 54 58.20 -22.47 -12.78
C ARG H 54 59.06 -21.69 -13.74
N MET H 55 60.07 -21.04 -13.19
CA MET H 55 60.94 -20.19 -13.98
C MET H 55 61.09 -20.64 -15.42
N GLY H 56 60.72 -19.76 -16.36
CA GLY H 56 60.84 -20.09 -17.76
C GLY H 56 59.51 -20.25 -18.49
N ASP H 57 58.50 -20.72 -17.76
CA ASP H 57 57.16 -20.93 -18.34
C ASP H 57 56.41 -19.61 -18.51
N ARG H 58 55.28 -19.69 -19.20
CA ARG H 58 54.47 -18.53 -19.41
C ARG H 58 53.06 -18.88 -18.98
N PHE H 59 52.49 -18.06 -18.10
CA PHE H 59 51.16 -18.28 -17.58
C PHE H 59 50.15 -17.44 -18.36
N ILE H 60 49.25 -18.07 -19.08
CA ILE H 60 48.30 -17.29 -19.85
C ILE H 60 46.88 -17.29 -19.30
N VAL H 61 46.21 -16.14 -19.36
CA VAL H 61 44.83 -16.03 -18.90
C VAL H 61 44.16 -15.01 -19.77
N GLU H 62 42.85 -15.06 -19.79
CA GLU H 62 42.09 -14.15 -20.61
C GLU H 62 42.02 -12.73 -20.08
N SER H 63 41.76 -12.58 -18.78
CA SER H 63 41.66 -11.25 -18.17
C SER H 63 42.08 -11.15 -16.72
N ILE H 64 42.66 -9.99 -16.36
CA ILE H 64 43.15 -9.74 -15.01
C ILE H 64 42.37 -10.48 -13.95
N ASP H 65 41.07 -10.24 -13.93
CA ASP H 65 40.21 -10.85 -12.92
C ASP H 65 40.26 -12.37 -12.77
N ARG H 66 40.83 -13.07 -13.72
CA ARG H 66 40.90 -14.50 -13.55
C ARG H 66 42.01 -14.81 -12.58
N LEU H 67 42.77 -13.79 -12.18
CA LEU H 67 43.88 -14.03 -11.27
C LEU H 67 43.50 -13.91 -9.82
N GLY H 68 42.26 -13.51 -9.56
CA GLY H 68 41.81 -13.37 -8.17
C GLY H 68 40.36 -12.92 -8.01
N ARG H 69 39.75 -13.23 -6.86
CA ARG H 69 38.36 -12.84 -6.64
C ARG H 69 38.23 -11.35 -6.41
N ASN H 70 39.31 -10.78 -5.89
CA ASN H 70 39.34 -9.35 -5.60
C ASN H 70 40.72 -8.88 -5.98
N TYR H 71 40.85 -7.58 -6.21
CA TYR H 71 42.15 -7.06 -6.60
C TYR H 71 43.30 -7.49 -5.73
N ASN H 72 43.20 -7.25 -4.44
CA ASN H 72 44.27 -7.61 -3.52
C ASN H 72 44.78 -9.04 -3.70
N GLU H 73 43.93 -9.95 -4.17
CA GLU H 73 44.37 -11.31 -4.42
C GLU H 73 45.21 -11.26 -5.73
N VAL H 74 44.70 -10.54 -6.73
CA VAL H 74 45.41 -10.41 -7.99
C VAL H 74 46.83 -10.00 -7.69
N ILE H 75 46.98 -8.99 -6.84
CA ILE H 75 48.30 -8.54 -6.48
C ILE H 75 49.09 -9.77 -6.04
N HIS H 76 48.56 -10.50 -5.08
CA HIS H 76 49.26 -11.66 -4.58
C HIS H 76 49.68 -12.53 -5.78
N THR H 77 48.70 -12.89 -6.60
CA THR H 77 48.96 -13.72 -7.76
C THR H 77 50.11 -13.17 -8.57
N VAL H 78 49.93 -11.98 -9.11
CA VAL H 78 50.96 -11.36 -9.92
C VAL H 78 52.28 -11.37 -9.19
N ASN H 79 52.28 -10.90 -7.95
CA ASN H 79 53.50 -10.89 -7.23
C ASN H 79 54.10 -12.29 -7.24
N TYR H 80 53.30 -13.31 -6.95
CA TYR H 80 53.82 -14.68 -6.95
C TYR H 80 54.60 -14.96 -8.23
N LEU H 81 53.92 -14.83 -9.36
CA LEU H 81 54.52 -15.06 -10.67
C LEU H 81 55.80 -14.26 -10.85
N LYS H 82 55.77 -13.01 -10.42
CA LYS H 82 56.94 -12.16 -10.54
C LYS H 82 58.17 -12.75 -9.86
N ASP H 83 57.98 -13.34 -8.69
CA ASP H 83 59.09 -13.91 -7.96
C ASP H 83 59.54 -15.23 -8.54
N LYS H 84 58.59 -16.10 -8.89
CA LYS H 84 58.96 -17.37 -9.46
C LYS H 84 59.49 -17.13 -10.88
N GLU H 85 59.48 -15.86 -11.29
CA GLU H 85 59.96 -15.45 -12.60
C GLU H 85 59.25 -16.13 -13.76
N VAL H 86 57.93 -16.11 -13.72
CA VAL H 86 57.11 -16.71 -14.76
C VAL H 86 56.49 -15.61 -15.62
N GLN H 87 56.59 -15.75 -16.93
CA GLN H 87 56.00 -14.74 -17.78
C GLN H 87 54.50 -14.67 -17.57
N LEU H 88 53.95 -13.47 -17.49
CA LEU H 88 52.52 -13.33 -17.36
C LEU H 88 52.00 -12.78 -18.66
N MET H 89 50.96 -13.38 -19.18
CA MET H 89 50.41 -12.91 -20.42
C MET H 89 48.91 -12.93 -20.31
N ILE H 90 48.30 -11.81 -20.69
CA ILE H 90 46.87 -11.61 -20.63
C ILE H 90 46.28 -11.36 -22.02
N THR H 91 45.47 -12.32 -22.44
CA THR H 91 44.79 -12.31 -23.71
C THR H 91 44.22 -10.97 -24.16
N SER H 92 43.81 -10.15 -23.22
CA SER H 92 43.24 -8.88 -23.61
C SER H 92 44.16 -7.66 -23.60
N LEU H 93 45.38 -7.79 -23.06
CA LEU H 93 46.35 -6.68 -23.05
C LEU H 93 47.45 -7.24 -23.92
N PRO H 94 47.09 -7.57 -25.18
CA PRO H 94 47.99 -8.15 -26.18
C PRO H 94 49.36 -7.50 -26.30
N MET H 95 49.42 -6.18 -26.22
CA MET H 95 50.72 -5.57 -26.37
C MET H 95 51.72 -6.09 -25.36
N MET H 96 51.23 -6.64 -24.26
CA MET H 96 52.12 -7.21 -23.25
C MET H 96 53.10 -8.11 -23.99
N ASN H 97 52.61 -8.73 -25.03
CA ASN H 97 53.41 -9.62 -25.87
C ASN H 97 54.84 -9.07 -26.08
N GLU H 98 54.93 -7.87 -26.64
CA GLU H 98 56.20 -7.20 -26.95
C GLU H 98 57.20 -7.28 -25.82
N VAL H 99 57.10 -6.38 -24.85
CA VAL H 99 58.02 -6.41 -23.71
C VAL H 99 58.39 -7.84 -23.25
N ILE H 100 57.41 -8.71 -23.24
CA ILE H 100 57.66 -10.10 -22.86
C ILE H 100 58.96 -10.61 -23.53
N GLY H 101 59.72 -11.44 -22.82
CA GLY H 101 60.94 -11.99 -23.42
C GLY H 101 62.23 -11.21 -23.16
N ASN H 102 62.09 -10.13 -22.41
CA ASN H 102 63.20 -9.26 -22.03
C ASN H 102 63.02 -9.20 -20.54
N PRO H 103 63.67 -10.12 -19.81
CA PRO H 103 63.59 -10.21 -18.34
C PRO H 103 63.52 -8.88 -17.57
N LEU H 104 64.16 -7.87 -18.12
CA LEU H 104 64.19 -6.55 -17.49
C LEU H 104 62.82 -5.86 -17.50
N LEU H 105 62.21 -5.81 -18.68
CA LEU H 105 60.92 -5.18 -18.86
C LEU H 105 59.74 -5.94 -18.27
N ASP H 106 59.83 -7.27 -18.26
CA ASP H 106 58.77 -8.11 -17.74
C ASP H 106 58.49 -7.67 -16.32
N LYS H 107 59.52 -7.76 -15.46
CA LYS H 107 59.35 -7.33 -14.09
C LYS H 107 58.54 -6.06 -14.14
N PHE H 108 59.12 -5.06 -14.79
CA PHE H 108 58.49 -3.77 -14.94
C PHE H 108 56.96 -3.85 -15.11
N MET H 109 56.51 -4.56 -16.14
CA MET H 109 55.09 -4.68 -16.38
C MET H 109 54.38 -5.08 -15.12
N LYS H 110 54.74 -6.24 -14.59
CA LYS H 110 54.14 -6.73 -13.37
C LYS H 110 54.13 -5.59 -12.38
N ASP H 111 55.32 -5.12 -12.06
CA ASP H 111 55.50 -4.02 -11.13
C ASP H 111 54.50 -2.93 -11.41
N LEU H 112 54.38 -2.55 -12.67
CA LEU H 112 53.45 -1.52 -13.04
C LEU H 112 52.03 -2.01 -12.78
N ILE H 113 51.70 -3.17 -13.36
CA ILE H 113 50.37 -3.73 -13.21
C ILE H 113 49.95 -3.65 -11.77
N ILE H 114 50.89 -3.96 -10.90
CA ILE H 114 50.63 -3.92 -9.49
C ILE H 114 50.26 -2.51 -9.07
N GLN H 115 51.17 -1.56 -9.27
CA GLN H 115 50.86 -0.20 -8.85
C GLN H 115 49.49 0.26 -9.32
N ILE H 116 49.22 0.09 -10.60
CA ILE H 116 47.92 0.51 -11.09
C ILE H 116 46.81 -0.15 -10.27
N LEU H 117 46.88 -1.46 -10.14
CA LEU H 117 45.85 -2.11 -9.38
C LEU H 117 45.83 -1.60 -7.96
N ALA H 118 46.96 -1.71 -7.27
CA ALA H 118 47.05 -1.28 -5.87
C ALA H 118 46.37 0.05 -5.68
N MET H 119 46.50 0.90 -6.69
CA MET H 119 45.87 2.20 -6.63
C MET H 119 44.37 2.01 -6.67
N VAL H 120 43.88 1.46 -7.77
CA VAL H 120 42.45 1.25 -7.94
C VAL H 120 41.83 0.60 -6.69
N SER H 121 42.64 -0.14 -5.95
CA SER H 121 42.16 -0.82 -4.76
C SER H 121 41.70 0.18 -3.68
N GLU H 122 41.96 1.46 -3.89
CA GLU H 122 41.57 2.49 -2.93
C GLU H 122 40.31 3.14 -3.44
N GLN H 123 40.41 3.72 -4.64
CA GLN H 123 39.29 4.41 -5.26
C GLN H 123 38.01 3.58 -5.19
N GLU H 124 38.14 2.29 -4.86
CA GLU H 124 36.99 1.39 -4.76
C GLU H 124 36.81 0.92 -3.33
N ARG H 125 37.83 1.14 -2.51
CA ARG H 125 37.81 0.74 -1.11
C ARG H 125 37.42 1.90 -0.20
N ASN H 126 37.61 3.13 -0.67
CA ASN H 126 37.27 4.32 0.11
C ASN H 126 35.90 4.85 -0.29
N GLU H 127 35.06 3.99 -0.87
CA GLU H 127 33.75 4.40 -1.30
C GLU H 127 32.56 3.74 -0.60
N SER H 128 32.60 2.42 -0.42
CA SER H 128 31.51 1.71 0.25
C SER H 128 31.88 1.25 1.68
N LYS H 129 31.87 2.20 2.61
CA LYS H 129 32.21 1.93 4.02
C LYS H 129 30.98 1.56 4.86
N GLN H 132 30.41 -2.10 6.22
CA GLN H 132 31.54 -2.39 7.11
C GLN H 132 31.13 -3.30 8.28
N ALA H 133 31.18 -4.61 8.04
CA ALA H 133 30.81 -5.62 9.05
C ALA H 133 32.03 -6.18 9.80
N GLN H 134 33.12 -5.40 9.83
CA GLN H 134 34.35 -5.80 10.50
C GLN H 134 34.61 -4.92 11.73
N GLY H 135 33.88 -3.80 11.82
CA GLY H 135 34.04 -2.90 12.95
C GLY H 135 33.15 -3.36 14.10
N ILE H 136 32.49 -4.50 13.91
CA ILE H 136 31.60 -5.08 14.91
C ILE H 136 32.30 -6.24 15.63
N GLN H 137 33.63 -6.15 15.70
CA GLN H 137 34.44 -7.17 16.38
C GLN H 137 35.44 -6.49 17.33
N VAL H 138 35.44 -5.16 17.32
CA VAL H 138 36.32 -4.36 18.18
C VAL H 138 35.54 -3.21 18.82
N ALA H 139 34.23 -3.16 18.54
CA ALA H 139 33.34 -2.13 19.07
C ALA H 139 32.19 -2.79 19.83
N LYS H 140 31.77 -3.97 19.37
CA LYS H 140 30.70 -4.74 20.00
C LYS H 140 31.27 -6.00 20.65
N GLU H 141 32.55 -6.26 20.37
CA GLU H 141 33.29 -7.40 20.93
C GLU H 141 34.47 -6.86 21.74
N LYS H 142 34.40 -5.57 22.06
CA LYS H 142 35.41 -4.86 22.84
C LYS H 142 34.80 -3.59 23.45
N GLY H 143 33.56 -3.71 23.90
CA GLY H 143 32.85 -2.59 24.50
C GLY H 143 31.34 -2.70 24.35
N VAL H 144 30.72 -1.64 23.84
CA VAL H 144 29.27 -1.60 23.61
C VAL H 144 29.01 -0.92 22.27
N TYR H 145 28.32 -1.63 21.37
CA TYR H 145 28.02 -1.10 20.02
C TYR H 145 27.03 0.09 19.98
N LYS H 146 27.30 1.04 19.10
CA LYS H 146 26.44 2.22 18.94
C LYS H 146 25.22 1.91 18.05
N GLY H 147 24.29 2.85 17.97
CA GLY H 147 23.11 2.66 17.14
C GLY H 147 22.12 1.60 17.61
N ARG H 148 21.05 1.41 16.82
CA ARG H 148 20.02 0.44 17.14
C ARG H 148 20.55 -0.98 17.21
N PRO H 149 19.99 -1.79 18.11
CA PRO H 149 20.40 -3.17 18.30
C PRO H 149 19.73 -4.04 17.26
N LEU H 150 20.27 -5.22 17.06
CA LEU H 150 19.67 -6.12 16.10
C LEU H 150 18.33 -6.50 16.62
N LEU H 151 17.37 -6.51 15.72
CA LEU H 151 16.03 -6.89 16.09
C LEU H 151 15.86 -8.39 15.95
N TYR H 152 16.53 -8.95 14.96
CA TYR H 152 16.42 -10.38 14.74
C TYR H 152 17.81 -10.98 14.84
N SER H 153 18.01 -11.78 15.87
CA SER H 153 19.28 -12.44 16.11
C SER H 153 19.16 -13.07 17.48
N PRO H 154 20.00 -14.06 17.78
CA PRO H 154 19.83 -14.62 19.13
C PRO H 154 20.11 -13.45 20.08
N ASN H 155 19.84 -13.63 21.38
CA ASN H 155 20.06 -12.55 22.35
C ASN H 155 18.98 -11.46 22.29
N ALA H 156 18.57 -11.11 21.07
CA ALA H 156 17.56 -10.08 20.88
C ALA H 156 16.50 -10.06 21.99
N LYS H 157 16.15 -8.85 22.43
CA LYS H 157 15.16 -8.61 23.47
C LYS H 157 13.98 -9.58 23.39
N ASP H 158 13.06 -9.35 22.45
CA ASP H 158 11.88 -10.18 22.26
C ASP H 158 12.21 -11.63 21.85
N PRO H 159 11.93 -12.59 22.74
CA PRO H 159 12.19 -14.00 22.49
C PRO H 159 11.66 -14.53 21.18
N GLN H 160 10.50 -14.03 20.76
CA GLN H 160 9.90 -14.50 19.52
C GLN H 160 10.79 -14.13 18.35
N LYS H 161 11.30 -12.91 18.36
CA LYS H 161 12.17 -12.49 17.27
C LYS H 161 13.25 -13.53 17.18
N ARG H 162 13.77 -13.91 18.34
CA ARG H 162 14.83 -14.89 18.39
C ARG H 162 14.38 -16.09 17.58
N VAL H 163 13.22 -16.62 17.92
CA VAL H 163 12.72 -17.77 17.20
C VAL H 163 12.72 -17.51 15.70
N ILE H 164 12.22 -16.36 15.31
CA ILE H 164 12.19 -16.07 13.91
C ILE H 164 13.59 -16.11 13.33
N TYR H 165 14.50 -15.37 13.93
CA TYR H 165 15.88 -15.34 13.46
C TYR H 165 16.33 -16.73 13.08
N HIS H 166 16.30 -17.64 14.04
CA HIS H 166 16.72 -19.00 13.78
C HIS H 166 16.05 -19.63 12.56
N ARG H 167 14.74 -19.55 12.50
CA ARG H 167 14.05 -20.14 11.38
C ARG H 167 14.57 -19.56 10.07
N VAL H 168 14.91 -18.27 10.07
CA VAL H 168 15.44 -17.67 8.86
C VAL H 168 16.66 -18.46 8.47
N VAL H 169 17.60 -18.54 9.41
CA VAL H 169 18.83 -19.29 9.20
C VAL H 169 18.52 -20.68 8.67
N GLU H 170 17.83 -21.47 9.49
CA GLU H 170 17.47 -22.82 9.12
C GLU H 170 17.03 -22.86 7.66
N MET H 171 16.20 -21.90 7.27
CA MET H 171 15.70 -21.84 5.92
C MET H 171 16.80 -21.47 4.93
N LEU H 172 17.88 -20.91 5.43
CA LEU H 172 18.98 -20.55 4.55
C LEU H 172 19.81 -21.79 4.25
N GLU H 173 20.12 -22.55 5.30
CA GLU H 173 20.89 -23.78 5.18
C GLU H 173 20.11 -24.76 4.31
N GLU H 174 18.80 -24.81 4.56
CA GLU H 174 17.88 -25.67 3.82
C GLU H 174 17.90 -25.21 2.35
N GLY H 175 18.65 -24.14 2.09
CA GLY H 175 18.78 -23.62 0.75
C GLY H 175 17.56 -22.96 0.13
N GLN H 176 16.61 -22.50 0.95
CA GLN H 176 15.40 -21.85 0.43
C GLN H 176 15.74 -20.56 -0.29
N ALA H 177 14.78 -20.00 -1.03
CA ALA H 177 15.01 -18.76 -1.76
C ALA H 177 14.77 -17.57 -0.89
N ILE H 178 15.48 -16.49 -1.15
CA ILE H 178 15.31 -15.30 -0.36
C ILE H 178 13.86 -14.92 -0.25
N SER H 179 13.31 -14.49 -1.38
CA SER H 179 11.92 -14.07 -1.48
C SER H 179 10.95 -14.90 -0.66
N LYS H 180 11.09 -16.21 -0.73
CA LYS H 180 10.22 -17.07 0.01
C LYS H 180 10.45 -16.84 1.50
N ILE H 181 11.71 -16.78 1.91
CA ILE H 181 12.04 -16.56 3.33
C ILE H 181 11.34 -15.30 3.80
N ALA H 182 11.62 -14.20 3.12
CA ALA H 182 11.03 -12.93 3.45
C ALA H 182 9.53 -13.06 3.75
N LYS H 183 8.76 -13.47 2.75
CA LYS H 183 7.32 -13.61 2.90
C LYS H 183 6.95 -14.54 4.03
N GLU H 184 7.68 -15.63 4.17
CA GLU H 184 7.33 -16.58 5.21
C GLU H 184 7.54 -16.05 6.61
N VAL H 185 8.41 -15.08 6.74
CA VAL H 185 8.69 -14.54 8.05
C VAL H 185 8.32 -13.07 8.16
N ASN H 186 7.66 -12.56 7.14
CA ASN H 186 7.21 -11.18 7.13
C ASN H 186 8.36 -10.22 7.44
N ILE H 187 9.44 -10.40 6.70
CA ILE H 187 10.63 -9.58 6.87
C ILE H 187 11.04 -9.04 5.51
N THR H 188 11.92 -8.06 5.51
CA THR H 188 12.41 -7.52 4.25
C THR H 188 13.51 -8.39 3.70
N ARG H 189 13.70 -8.37 2.39
CA ARG H 189 14.75 -9.17 1.80
C ARG H 189 16.04 -8.65 2.41
N GLN H 190 16.21 -7.34 2.28
CA GLN H 190 17.37 -6.62 2.80
C GLN H 190 17.73 -7.07 4.19
N THR H 191 16.74 -7.46 4.96
CA THR H 191 16.98 -7.92 6.31
C THR H 191 17.47 -9.35 6.31
N VAL H 192 16.85 -10.17 5.48
CA VAL H 192 17.26 -11.56 5.40
C VAL H 192 18.70 -11.57 4.96
N TYR H 193 18.99 -10.73 3.97
CA TYR H 193 20.35 -10.60 3.47
C TYR H 193 21.21 -10.44 4.70
N ARG H 194 20.99 -9.35 5.43
CA ARG H 194 21.74 -9.05 6.63
C ARG H 194 21.96 -10.28 7.48
N ILE H 195 20.92 -11.06 7.70
CA ILE H 195 21.09 -12.25 8.51
C ILE H 195 22.03 -13.22 7.86
N LYS H 196 22.05 -13.21 6.52
CA LYS H 196 22.92 -14.11 5.77
C LYS H 196 24.40 -13.75 5.95
N HIS H 197 24.82 -12.59 5.44
CA HIS H 197 26.23 -12.15 5.56
C HIS H 197 26.78 -12.33 6.95
N ASP H 198 25.97 -11.92 7.92
CA ASP H 198 26.31 -12.00 9.33
C ASP H 198 26.55 -13.43 9.78
N ASN H 199 25.80 -14.38 9.24
CA ASN H 199 26.00 -15.76 9.67
C ASN H 199 27.30 -16.31 9.08
N GLY H 200 28.30 -16.42 9.97
CA GLY H 200 29.62 -16.91 9.60
C GLY H 200 30.67 -16.37 10.57
S SO4 I . -34.70 0.58 13.04
O1 SO4 I . -35.28 0.37 11.70
O2 SO4 I . -34.78 -0.69 13.79
O3 SO4 I . -35.43 1.62 13.78
O4 SO4 I . -33.29 1.02 12.92
S SO4 J . 32.10 -13.98 -11.70
O1 SO4 J . 31.03 -13.14 -12.29
O2 SO4 J . 31.84 -15.40 -11.99
O3 SO4 J . 32.14 -13.80 -10.23
O4 SO4 J . 33.39 -13.56 -12.29
#